data_2CCN
# 
_entry.id   2CCN 
# 
_audit_conform.dict_name       mmcif_pdbx.dic 
_audit_conform.dict_version    5.398 
_audit_conform.dict_location   http://mmcif.pdb.org/dictionaries/ascii/mmcif_pdbx.dic 
# 
loop_
_database_2.database_id 
_database_2.database_code 
_database_2.pdbx_database_accession 
_database_2.pdbx_DOI 
PDB   2CCN         pdb_00002ccn 10.2210/pdb2ccn/pdb 
PDBE  EBI-27250    ?            ?                   
WWPDB D_1290027250 ?            ?                   
# 
loop_
_pdbx_audit_revision_history.ordinal 
_pdbx_audit_revision_history.data_content_type 
_pdbx_audit_revision_history.major_revision 
_pdbx_audit_revision_history.minor_revision 
_pdbx_audit_revision_history.revision_date 
1 'Structure model' 1 0 2006-04-06 
2 'Structure model' 1 1 2011-05-08 
3 'Structure model' 1 2 2011-07-13 
4 'Structure model' 1 3 2018-09-19 
5 'Structure model' 1 4 2018-11-07 
6 'Structure model' 1 5 2024-05-08 
7 'Structure model' 1 6 2024-11-06 
# 
_pdbx_audit_revision_details.ordinal             1 
_pdbx_audit_revision_details.revision_ordinal    1 
_pdbx_audit_revision_details.data_content_type   'Structure model' 
_pdbx_audit_revision_details.provider            repository 
_pdbx_audit_revision_details.type                'Initial release' 
_pdbx_audit_revision_details.description         ? 
_pdbx_audit_revision_details.details             ? 
# 
loop_
_pdbx_audit_revision_group.ordinal 
_pdbx_audit_revision_group.revision_ordinal 
_pdbx_audit_revision_group.data_content_type 
_pdbx_audit_revision_group.group 
1  2 'Structure model' 'Version format compliance' 
2  3 'Structure model' 'Version format compliance' 
3  4 'Structure model' 'Data collection'           
4  4 'Structure model' 'Database references'       
5  4 'Structure model' 'Source and taxonomy'       
6  4 'Structure model' 'Structure summary'         
7  5 'Structure model' 'Data collection'           
8  5 'Structure model' 'Database references'       
9  5 'Structure model' 'Structure summary'         
10 6 'Structure model' 'Data collection'           
11 6 'Structure model' 'Database references'       
12 6 'Structure model' Other                       
13 7 'Structure model' 'Structure summary'         
# 
loop_
_pdbx_audit_revision_category.ordinal 
_pdbx_audit_revision_category.revision_ordinal 
_pdbx_audit_revision_category.data_content_type 
_pdbx_audit_revision_category.category 
1  4 'Structure model' citation             
2  4 'Structure model' citation_author      
3  4 'Structure model' entity               
4  4 'Structure model' entity_name_com      
5  4 'Structure model' entity_src_nat       
6  4 'Structure model' pdbx_entity_src_syn  
7  4 'Structure model' struct_ref           
8  4 'Structure model' struct_ref_seq       
9  4 'Structure model' struct_ref_seq_dif   
10 5 'Structure model' audit_author         
11 5 'Structure model' citation_author      
12 5 'Structure model' struct_ref_seq_dif   
13 6 'Structure model' chem_comp_atom       
14 6 'Structure model' chem_comp_bond       
15 6 'Structure model' database_2           
16 6 'Structure model' pdbx_database_status 
17 7 'Structure model' pdbx_entry_details   
# 
loop_
_pdbx_audit_revision_item.ordinal 
_pdbx_audit_revision_item.revision_ordinal 
_pdbx_audit_revision_item.data_content_type 
_pdbx_audit_revision_item.item 
1  4 'Structure model' '_citation.page_last'                          
2  4 'Structure model' '_citation.pdbx_database_id_DOI'               
3  4 'Structure model' '_citation.title'                              
4  4 'Structure model' '_citation_author.name'                        
5  4 'Structure model' '_entity.pdbx_description'                     
6  4 'Structure model' '_entity.src_method'                           
7  4 'Structure model' '_entity_name_com.name'                        
8  5 'Structure model' '_audit_author.name'                           
9  5 'Structure model' '_citation_author.name'                        
10 5 'Structure model' '_struct_ref_seq_dif.details'                  
11 6 'Structure model' '_database_2.pdbx_DOI'                         
12 6 'Structure model' '_database_2.pdbx_database_accession'          
13 6 'Structure model' '_pdbx_database_status.status_code_sf'         
14 7 'Structure model' '_pdbx_entry_details.has_protein_modification' 
# 
_pdbx_database_PDB_obs_spr.id               SPRSDE 
_pdbx_database_PDB_obs_spr.date             2006-04-06 
_pdbx_database_PDB_obs_spr.pdb_id           2CCN 
_pdbx_database_PDB_obs_spr.replace_pdb_id   1VZL 
_pdbx_database_PDB_obs_spr.details          ? 
# 
_pdbx_database_status.status_code                     REL 
_pdbx_database_status.entry_id                        2CCN 
_pdbx_database_status.deposit_site                    PDBE 
_pdbx_database_status.process_site                    PDBE 
_pdbx_database_status.SG_entry                        . 
_pdbx_database_status.recvd_initial_deposition_date   2006-01-16 
_pdbx_database_status.pdb_format_compatible           Y 
_pdbx_database_status.status_code_sf                  REL 
_pdbx_database_status.status_code_mr                  ? 
_pdbx_database_status.status_code_cs                  ? 
_pdbx_database_status.methods_development_category    ? 
_pdbx_database_status.status_code_nmr_data            ? 
# 
loop_
_pdbx_database_related.db_name 
_pdbx_database_related.db_id 
_pdbx_database_related.content_type 
_pdbx_database_related.details 
PDB 1CE9 unspecified 'HELIX CAPPING IN THE GCN4 LEUCINE ZIPPER' 
PDB 1DGC unspecified 'GCN4 LEUCINE ZIPPER COMPLEXED WITH SPECIFIC ATF/CREB SITE DEOXYRIBONUCLEIC ACID' 
PDB 1ENV unspecified 'ATOMIC STRUCTURE OF THE ECTODOMAIN FROM HIV -1 GP41' 
PDB 1FAV unspecified 'THE STRUCTURE OF AN HIV-1 SPECIFIC CELL ENTRY INHIBITOR INCOMPLEX WITH THE HIV-1 GP41 TRIMERIC CORE' 
PDB 1GCL unspecified 'GCN4 LEUCINE ZIPPER CORE MUTANT P-LI' 
PDB 1GCM unspecified 'GCN4 LEUCINE ZIPPER CORE MUTANT P-LI' 
PDB 1GK6 unspecified 'HUMAN VIMENTIN COIL 2B FRAGMENT LINKED TO GCN4 LEUCINE ZIPPER (Z2B)' 
PDB 1GZL unspecified 
'CRYSTAL STRUCTURE OF C14LINKMID/IQN17: A CROSS-LINKED INHIBITOR OF HIV-1 ENTRY BOUND TO THE GP41 HYDROPHOBIC POCKET'          
PDB 1IHQ unspecified 
'GLYTM1BZIP: A CHIMERIC PEPTIDE MODEL OF THE N-TERMINUS OF ARAT SHORT ALPHA TROPOMYOSIN WITH THE N-TERMINUS ENCODED BYEXON 1B' 
PDB 1IJ0 unspecified 'COILED COIL TRIMER GCN4-PVLS SER AT BURIED D POSITION' 
PDB 1IJ1 unspecified 'GCN4-PVLT COILED-COIL TRIMER WITH THREONINE AT THE D(12)POSITION' 
PDB 1IJ2 unspecified 'GCN4-PVTL COILED-COIL TRIMER WITH THREONINE AT THE A(16)POSITION' 
PDB 1IJ3 unspecified 'GCN4-PVSL COILED-COIL TRIMER WITH SERINE AT THE A(16)POSITION' 
PDB 1KQL unspecified 'CRYSTAL STRUCTURE OF THE C-TERMINAL REGION OF STRIATEDMUSCLE ALPHA-TROPOMYOSIN AT 2.7 ANGSTROM RESOLUTION' 
PDB 1LD4 unspecified 'PLACEMENT OF THE STRUCTURAL PROTEINS IN SINDBIS VIRUS' 
PDB 1LLM unspecified 'CRYSTAL STRUCTURE OF A ZIF23-GCN4 CHIMERA BOUND TO DNA' 
PDB 1NKN unspecified 
'VISUALIZING AN UNSTABLE COILED COIL: THE CRYSTAL STRUCTUREOF AN N-TERMINAL SEGMENT OF THE SCALLOP MYOSIN ROD'                 
PDB 1PIQ unspecified 'CRYSTAL STRUCTURE OF GCN4-PIQ, A TRIMERIC COILED COIL WITH BURIED POLAR RESIDUES' 
PDB 1RB1 unspecified 'GCN4-LEUCINE ZIPPER CORE MUTANT AS N16A TRIGONAL AUTOMATICSOLUTION' 
PDB 1RB4 unspecified 'ANTIPARALLEL TRIMER OF GCN4-LEUCINE ZIPPER CORE MUTANT ASN16A TETRAGONAL AUTOMATIC SOLUTION' 
PDB 1RB5 unspecified 'ANTIPARALLEL TRIMER OF GCN4-LEUCINE ZIPPER CORE MUTANT ASN16A TRIGONAL FORM' 
PDB 1RB6 unspecified 'ANTIPARALLEL TRIMER OF GCN4-LEUCINE ZIPPER CORE MUTANT ASN16A TETRAGONAL FORM' 
PDB 1SWI unspecified 'GCN4-LEUCINE ZIPPER CORE MUTANT AS N16A COMPLEXED WITH BENZENE' 
PDB 1TMZ unspecified 'TMZIP: A CHIMERIC PEPTIDE MODEL OF THE N- TERMINUS OF ALPHA TROPOMYOSIN, NMR, 15 STRUCTURES' 
PDB 1UNT unspecified 'STRUCTURE BASED ENGINEERING OF INTERNAL MOLECULAR SURFACES OF FOUR HELIX BUNDLES' 
PDB 1UNU unspecified 'STRUCTURE BASED ENGINEERING OF INTERNAL MOLECULAR SURFACES OF FOUR HELIX BUNDLES' 
PDB 1UNV unspecified 'STRUCTURE BASED ENGINEERING OF INTERNAL MOLECULAR SURFACES OF FOUR HELIX BUNDLES' 
PDB 1UNW unspecified 'STRUCTURE BASED ENGINEERING OF INTERNAL MOLECULAR SURFACES OF FOUR HELIX BUNDLES' 
PDB 1UNX unspecified 'STRUCTURE BASED ENGINEERING OF INTERNAL MOLECULAR SURFACES OF FOUR HELIX BUNDLES' 
PDB 1UNY unspecified 'STRUCTURE BASED ENGINEERING OF INTERNAL MOLECULAR SURFACES OF FOUR HELIX BUNDLES' 
PDB 1UNZ unspecified 'STRUCTURE BASED ENGINEERING OF INTERNAL MOLECULAR SURFACES OF FOUR HELIX BUNDLES' 
PDB 1UO0 unspecified 'STRUCTURE BASED ENGINEERING OF INTERNAL MOLECULAR SURFACES OF FOUR HELIX BUNDLES' 
PDB 1UO1 unspecified 'STRUCTURE BASED ENGINEERING OF INTERNAL MOLECULAR SURFACES OF FOUR HELIX BUNDLES' 
PDB 1UO2 unspecified 'STRUCTURE BASED ENGINEERING OF INTERNAL MOLECULAR SURFACES OF FOUR HELIX BUNDLES' 
PDB 1UO3 unspecified 'STRUCTURE BASED ENGINEERING OF INTERNAL MOLECULAR SURFACES OF FOUR HELIX BUNDLES' 
PDB 1UO4 unspecified 'STRUCTURE BASED ENGINEERING OF INTERNAL MOLECULAR SURFACES OF FOUR HELIX BUNDLES' 
PDB 1UO5 unspecified 'STRUCTURE BASED ENGINEERING OF INTERNAL MOLECULAR SURFACES OF FOUR HELIX BUNDLES' 
PDB 1VZL unspecified 'AN ANTI-PARALLEL FOUR HELIX BUNDLE MUTANT PLI-E20C' 
PDB 1W5G unspecified 'AN ANTI-PARALLEL FOUR HELIX BUNDLE ( ACETIMIDE MODIFICATION).' 
PDB 1W5H unspecified 'AN ANTI-PARALLEL FOUR HELIX BUNDLE.' 
PDB 1W5I unspecified 'ABA DOES NOT AFFECT TOPOLOGY OF PLI.' 
PDB 1W5J unspecified 'AN ANTI-PARALLEL FOUR HELIX BUNDLE' 
PDB 1W5K unspecified 'AN ANTI-PARALLEL FOUR HELIX BUNDLE' 
PDB 1W5L unspecified 'AN ANTI-PARALLEL TO PARALLEL SWITCH.' 
PDB 1YSA unspecified 'GCN4 (BASIC REGION, LEUCINE ZIPPER) COMPLEX WITH AP-1 DEOXYRIBONUCLEIC ACID' 
PDB 1ZII unspecified 'GCN4-LEUCINE ZIPPER CORE MUTANT ASN16ABA IN THE DIMERIC STATE' 
PDB 1ZIJ unspecified 'GCN4-LEUCINE ZIPPER CORE MUTANT ASN16ABA IN THE TRIMERIC STATE' 
PDB 1ZIK unspecified 'GCN4-LEUCINE ZIPPER CORE MUTANT ASN16LYS IN THE DIMERIC STATE' 
PDB 1ZIL unspecified 'GCN4-LEUCINE ZIPPER CORE MUTANT ASN16GLN IN THE DIMERIC STATE' 
PDB 1ZIM unspecified 'GCN4-LEUCINE ZIPPER CORE MUTANT ASN16GLN IN THE TRIMERIC STATE' 
PDB 1ZTA unspecified 'LEUCINE ZIPPER MONOMER (NMR, 20 STRUCTURES)' 
PDB 2BNI unspecified 'PLI MUTANT E20C L16G Y17H, ANTIPARALLEL' 
PDB 2CCE unspecified 'PARALLEL CONFIGURATION OF PLI E20S' 
PDB 2CCF unspecified 'ANTIPARALLEL CONFIGURATION OF PLI E20S' 
PDB 2DGC unspecified 'GCN4 BASIC DOMAIN, LEUCINE ZIPPER COMPLEXED WITH ATF/CREB SITE DEOXYRIBONUCLEIC ACID' 
PDB 2ZTA unspecified 'GCN4 LEUCINE ZIPPER' 
# 
loop_
_audit_author.name 
_audit_author.pdbx_ordinal 
_audit_author.identifier_ORCID 
'Yadav, M.K.'      1 ? 
'Leman, L.J.'      2 ? 
'Price, D.J.'      3 ? 
'Brooks 3rd, C.L.' 4 ? 
'Stout, C.D.'      5 ? 
'Ghadiri, M.R.'    6 ? 
# 
_citation.id                        primary 
_citation.title                     
;Coiled coils at the edge of configurational heterogeneity. Structural analyses of parallel and antiparallel homotetrameric coiled coils reveal configurational sensitivity to a single solvent-exposed amino acid substitution.
;
_citation.journal_abbrev            Biochemistry 
_citation.journal_volume            45 
_citation.page_first                4463 
_citation.page_last                 4473 
_citation.year                      2006 
_citation.journal_id_ASTM           BICHAW 
_citation.country                   US 
_citation.journal_id_ISSN           0006-2960 
_citation.journal_id_CSD            0033 
_citation.book_publisher            ? 
_citation.pdbx_database_id_PubMed   16584182 
_citation.pdbx_database_id_DOI      10.1021/bi060092q 
# 
loop_
_citation_author.citation_id 
_citation_author.name 
_citation_author.ordinal 
_citation_author.identifier_ORCID 
primary 'Yadav, M.K.'      1 ? 
primary 'Leman, L.J.'      2 ? 
primary 'Price, D.J.'      3 ? 
primary 'Brooks 3rd, C.L.' 4 ? 
primary 'Stout, C.D.'      5 ? 
primary 'Ghadiri, M.R.'    6 ? 
# 
loop_
_entity.id 
_entity.type 
_entity.src_method 
_entity.pdbx_description 
_entity.formula_weight 
_entity.pdbx_number_of_molecules 
_entity.pdbx_ec 
_entity.pdbx_mutation 
_entity.pdbx_fragment 
_entity.details 
1 polymer syn 'General control protein GCN4' 4046.866 2  ? YES 'RESIDUES 249-281' ? 
2 water   nat water                          18.015   83 ? ?   ?                  ? 
# 
_entity_name_com.entity_id   1 
_entity_name_com.name        'Amino acid biosynthesis regulatory protein' 
# 
_entity_poly.entity_id                      1 
_entity_poly.type                           'polypeptide(L)' 
_entity_poly.nstd_linkage                   no 
_entity_poly.nstd_monomer                   yes 
_entity_poly.pdbx_seq_one_letter_code       '(ACE)RMKQIEDKLEEILSKLYHICNELARIKKLLGER' 
_entity_poly.pdbx_seq_one_letter_code_can   XRMKQIEDKLEEILSKLYHICNELARIKKLLGER 
_entity_poly.pdbx_strand_id                 A,B 
_entity_poly.pdbx_target_identifier         ? 
# 
_pdbx_entity_nonpoly.entity_id   2 
_pdbx_entity_nonpoly.name        water 
_pdbx_entity_nonpoly.comp_id     HOH 
# 
loop_
_entity_poly_seq.entity_id 
_entity_poly_seq.num 
_entity_poly_seq.mon_id 
_entity_poly_seq.hetero 
1 1  ACE n 
1 2  ARG n 
1 3  MET n 
1 4  LYS n 
1 5  GLN n 
1 6  ILE n 
1 7  GLU n 
1 8  ASP n 
1 9  LYS n 
1 10 LEU n 
1 11 GLU n 
1 12 GLU n 
1 13 ILE n 
1 14 LEU n 
1 15 SER n 
1 16 LYS n 
1 17 LEU n 
1 18 TYR n 
1 19 HIS n 
1 20 ILE n 
1 21 CYS n 
1 22 ASN n 
1 23 GLU n 
1 24 LEU n 
1 25 ALA n 
1 26 ARG n 
1 27 ILE n 
1 28 LYS n 
1 29 LYS n 
1 30 LEU n 
1 31 LEU n 
1 32 GLY n 
1 33 GLU n 
1 34 ARG n 
# 
_pdbx_entity_src_syn.entity_id              1 
_pdbx_entity_src_syn.pdbx_src_id            1 
_pdbx_entity_src_syn.pdbx_alt_source_flag   sample 
_pdbx_entity_src_syn.pdbx_beg_seq_num       1 
_pdbx_entity_src_syn.pdbx_end_seq_num       34 
_pdbx_entity_src_syn.organism_scientific    'Saccharomyces cerevisiae' 
_pdbx_entity_src_syn.organism_common_name   
;Baker's yeast
;
_pdbx_entity_src_syn.ncbi_taxonomy_id       4932 
_pdbx_entity_src_syn.details                ? 
# 
loop_
_chem_comp.id 
_chem_comp.type 
_chem_comp.mon_nstd_flag 
_chem_comp.name 
_chem_comp.pdbx_synonyms 
_chem_comp.formula 
_chem_comp.formula_weight 
ACE non-polymer         . 'ACETYL GROUP'  ? 'C2 H4 O'        44.053  
ALA 'L-peptide linking' y ALANINE         ? 'C3 H7 N O2'     89.093  
ARG 'L-peptide linking' y ARGININE        ? 'C6 H15 N4 O2 1' 175.209 
ASN 'L-peptide linking' y ASPARAGINE      ? 'C4 H8 N2 O3'    132.118 
ASP 'L-peptide linking' y 'ASPARTIC ACID' ? 'C4 H7 N O4'     133.103 
CYS 'L-peptide linking' y CYSTEINE        ? 'C3 H7 N O2 S'   121.158 
GLN 'L-peptide linking' y GLUTAMINE       ? 'C5 H10 N2 O3'   146.144 
GLU 'L-peptide linking' y 'GLUTAMIC ACID' ? 'C5 H9 N O4'     147.129 
GLY 'peptide linking'   y GLYCINE         ? 'C2 H5 N O2'     75.067  
HIS 'L-peptide linking' y HISTIDINE       ? 'C6 H10 N3 O2 1' 156.162 
HOH non-polymer         . WATER           ? 'H2 O'           18.015  
ILE 'L-peptide linking' y ISOLEUCINE      ? 'C6 H13 N O2'    131.173 
LEU 'L-peptide linking' y LEUCINE         ? 'C6 H13 N O2'    131.173 
LYS 'L-peptide linking' y LYSINE          ? 'C6 H15 N2 O2 1' 147.195 
MET 'L-peptide linking' y METHIONINE      ? 'C5 H11 N O2 S'  149.211 
SER 'L-peptide linking' y SERINE          ? 'C3 H7 N O3'     105.093 
TYR 'L-peptide linking' y TYROSINE        ? 'C9 H11 N O3'    181.189 
VAL 'L-peptide linking' y VALINE          ? 'C5 H11 N O2'    117.146 
# 
loop_
_pdbx_poly_seq_scheme.asym_id 
_pdbx_poly_seq_scheme.entity_id 
_pdbx_poly_seq_scheme.seq_id 
_pdbx_poly_seq_scheme.mon_id 
_pdbx_poly_seq_scheme.ndb_seq_num 
_pdbx_poly_seq_scheme.pdb_seq_num 
_pdbx_poly_seq_scheme.auth_seq_num 
_pdbx_poly_seq_scheme.pdb_mon_id 
_pdbx_poly_seq_scheme.auth_mon_id 
_pdbx_poly_seq_scheme.pdb_strand_id 
_pdbx_poly_seq_scheme.pdb_ins_code 
_pdbx_poly_seq_scheme.hetero 
A 1 1  ACE 1  0  ?  ?   ?   A . n 
A 1 2  ARG 2  1  1  ARG ARG A . n 
A 1 3  MET 3  2  2  MET MET A . n 
A 1 4  LYS 4  3  3  LYS LYS A . n 
A 1 5  GLN 5  4  4  GLN GLN A . n 
A 1 6  ILE 6  5  5  ILE ILE A . n 
A 1 7  GLU 7  6  6  GLU GLU A . n 
A 1 8  ASP 8  7  7  ASP ASP A . n 
A 1 9  LYS 9  8  8  LYS LYS A . n 
A 1 10 LEU 10 9  9  LEU LEU A . n 
A 1 11 GLU 11 10 10 GLU GLU A . n 
A 1 12 GLU 12 11 11 GLU GLU A . n 
A 1 13 ILE 13 12 12 ILE ILE A . n 
A 1 14 LEU 14 13 13 LEU LEU A . n 
A 1 15 SER 15 14 14 SER SER A . n 
A 1 16 LYS 16 15 15 LYS LYS A . n 
A 1 17 LEU 17 16 16 LEU LEU A . n 
A 1 18 TYR 18 17 17 TYR TYR A . n 
A 1 19 HIS 19 18 18 HIS HIS A . n 
A 1 20 ILE 20 19 19 ILE ILE A . n 
A 1 21 CYS 21 20 20 CYS CYS A . n 
A 1 22 ASN 22 21 21 ASN ASN A . n 
A 1 23 GLU 23 22 22 GLU GLU A . n 
A 1 24 LEU 24 23 23 LEU LEU A . n 
A 1 25 ALA 25 24 24 ALA ALA A . n 
A 1 26 ARG 26 25 25 ARG ARG A . n 
A 1 27 ILE 27 26 26 ILE ILE A . n 
A 1 28 LYS 28 27 27 LYS LYS A . n 
A 1 29 LYS 29 28 28 LYS LYS A . n 
A 1 30 LEU 30 29 29 LEU LEU A . n 
A 1 31 LEU 31 30 30 LEU LEU A . n 
A 1 32 GLY 32 31 31 GLY GLY A . n 
A 1 33 GLU 33 32 32 GLU GLU A . n 
A 1 34 ARG 34 33 33 ARG ARG A . n 
B 1 1  ACE 1  0  ?  ?   ?   B . n 
B 1 2  ARG 2  1  1  ARG ARG B . n 
B 1 3  MET 3  2  2  MET MET B . n 
B 1 4  LYS 4  3  3  LYS LYS B . n 
B 1 5  GLN 5  4  4  GLN GLN B . n 
B 1 6  ILE 6  5  5  ILE ILE B . n 
B 1 7  GLU 7  6  6  GLU GLU B . n 
B 1 8  ASP 8  7  7  ASP ASP B . n 
B 1 9  LYS 9  8  8  LYS LYS B . n 
B 1 10 LEU 10 9  9  LEU LEU B . n 
B 1 11 GLU 11 10 10 GLU GLU B . n 
B 1 12 GLU 12 11 11 GLU GLU B . n 
B 1 13 ILE 13 12 12 ILE ILE B . n 
B 1 14 LEU 14 13 13 LEU LEU B . n 
B 1 15 SER 15 14 14 SER SER B . n 
B 1 16 LYS 16 15 15 LYS LYS B . n 
B 1 17 LEU 17 16 16 LEU LEU B . n 
B 1 18 TYR 18 17 17 TYR TYR B . n 
B 1 19 HIS 19 18 18 HIS HIS B . n 
B 1 20 ILE 20 19 19 ILE ILE B . n 
B 1 21 CYS 21 20 20 CYS CYS B . n 
B 1 22 ASN 22 21 21 ASN ASN B . n 
B 1 23 GLU 23 22 22 GLU GLU B . n 
B 1 24 LEU 24 23 23 LEU LEU B . n 
B 1 25 ALA 25 24 24 ALA ALA B . n 
B 1 26 ARG 26 25 25 ARG ARG B . n 
B 1 27 ILE 27 26 26 ILE ILE B . n 
B 1 28 LYS 28 27 27 LYS LYS B . n 
B 1 29 LYS 29 28 28 LYS LYS B . n 
B 1 30 LEU 30 29 29 LEU LEU B . n 
B 1 31 LEU 31 30 30 LEU LEU B . n 
B 1 32 GLY 32 31 31 GLY GLY B . n 
B 1 33 GLU 33 32 32 GLU GLU B . n 
B 1 34 ARG 34 33 33 ARG ARG B . n 
# 
loop_
_pdbx_nonpoly_scheme.asym_id 
_pdbx_nonpoly_scheme.entity_id 
_pdbx_nonpoly_scheme.mon_id 
_pdbx_nonpoly_scheme.ndb_seq_num 
_pdbx_nonpoly_scheme.pdb_seq_num 
_pdbx_nonpoly_scheme.auth_seq_num 
_pdbx_nonpoly_scheme.pdb_mon_id 
_pdbx_nonpoly_scheme.auth_mon_id 
_pdbx_nonpoly_scheme.pdb_strand_id 
_pdbx_nonpoly_scheme.pdb_ins_code 
C 2 HOH 1  2001 2001 HOH HOH A . 
C 2 HOH 2  2002 2002 HOH HOH A . 
C 2 HOH 3  2003 2003 HOH HOH A . 
C 2 HOH 4  2004 2004 HOH HOH A . 
C 2 HOH 5  2005 2005 HOH HOH A . 
C 2 HOH 6  2006 2006 HOH HOH A . 
C 2 HOH 7  2007 2007 HOH HOH A . 
C 2 HOH 8  2008 2008 HOH HOH A . 
C 2 HOH 9  2009 2009 HOH HOH A . 
C 2 HOH 10 2010 2010 HOH HOH A . 
C 2 HOH 11 2011 2011 HOH HOH A . 
C 2 HOH 12 2012 2012 HOH HOH A . 
C 2 HOH 13 2013 2013 HOH HOH A . 
C 2 HOH 14 2014 2014 HOH HOH A . 
C 2 HOH 15 2015 2015 HOH HOH A . 
C 2 HOH 16 2016 2016 HOH HOH A . 
C 2 HOH 17 2017 2017 HOH HOH A . 
C 2 HOH 18 2018 2018 HOH HOH A . 
C 2 HOH 19 2019 2019 HOH HOH A . 
C 2 HOH 20 2020 2020 HOH HOH A . 
C 2 HOH 21 2021 2021 HOH HOH A . 
C 2 HOH 22 2022 2022 HOH HOH A . 
C 2 HOH 23 2023 2023 HOH HOH A . 
C 2 HOH 24 2024 2024 HOH HOH A . 
C 2 HOH 25 2025 2025 HOH HOH A . 
C 2 HOH 26 2026 2026 HOH HOH A . 
C 2 HOH 27 2027 2027 HOH HOH A . 
C 2 HOH 28 2028 2028 HOH HOH A . 
C 2 HOH 29 2029 2029 HOH HOH A . 
C 2 HOH 30 2030 2030 HOH HOH A . 
C 2 HOH 31 2031 2031 HOH HOH A . 
C 2 HOH 32 2032 2032 HOH HOH A . 
D 2 HOH 1  2001 2001 HOH HOH B . 
D 2 HOH 2  2002 2002 HOH HOH B . 
D 2 HOH 3  2003 2003 HOH HOH B . 
D 2 HOH 4  2004 2004 HOH HOH B . 
D 2 HOH 5  2005 2005 HOH HOH B . 
D 2 HOH 6  2006 2006 HOH HOH B . 
D 2 HOH 7  2007 2007 HOH HOH B . 
D 2 HOH 8  2008 2008 HOH HOH B . 
D 2 HOH 9  2009 2009 HOH HOH B . 
D 2 HOH 10 2010 2010 HOH HOH B . 
D 2 HOH 11 2011 2011 HOH HOH B . 
D 2 HOH 12 2012 2012 HOH HOH B . 
D 2 HOH 13 2013 2013 HOH HOH B . 
D 2 HOH 14 2014 2014 HOH HOH B . 
D 2 HOH 15 2015 2015 HOH HOH B . 
D 2 HOH 16 2016 2016 HOH HOH B . 
D 2 HOH 17 2017 2017 HOH HOH B . 
D 2 HOH 18 2018 2018 HOH HOH B . 
D 2 HOH 19 2019 2019 HOH HOH B . 
D 2 HOH 20 2020 2020 HOH HOH B . 
D 2 HOH 21 2021 2021 HOH HOH B . 
D 2 HOH 22 2022 2022 HOH HOH B . 
D 2 HOH 23 2023 2023 HOH HOH B . 
D 2 HOH 24 2024 2024 HOH HOH B . 
D 2 HOH 25 2025 2025 HOH HOH B . 
D 2 HOH 26 2026 2026 HOH HOH B . 
D 2 HOH 27 2027 2027 HOH HOH B . 
D 2 HOH 28 2028 2028 HOH HOH B . 
D 2 HOH 29 2029 2029 HOH HOH B . 
D 2 HOH 30 2030 2030 HOH HOH B . 
D 2 HOH 31 2031 2031 HOH HOH B . 
D 2 HOH 32 2032 2032 HOH HOH B . 
D 2 HOH 33 2033 2033 HOH HOH B . 
D 2 HOH 34 2034 2034 HOH HOH B . 
D 2 HOH 35 2035 2035 HOH HOH B . 
D 2 HOH 36 2036 2036 HOH HOH B . 
D 2 HOH 37 2037 2037 HOH HOH B . 
D 2 HOH 38 2038 2038 HOH HOH B . 
D 2 HOH 39 2039 2039 HOH HOH B . 
D 2 HOH 40 2040 2040 HOH HOH B . 
D 2 HOH 41 2041 2041 HOH HOH B . 
D 2 HOH 42 2042 2042 HOH HOH B . 
D 2 HOH 43 2043 2043 HOH HOH B . 
D 2 HOH 44 2044 2044 HOH HOH B . 
D 2 HOH 45 2045 2045 HOH HOH B . 
D 2 HOH 46 2046 2046 HOH HOH B . 
D 2 HOH 47 2047 2047 HOH HOH B . 
D 2 HOH 48 2048 2048 HOH HOH B . 
D 2 HOH 49 2049 2049 HOH HOH B . 
D 2 HOH 50 2050 2050 HOH HOH B . 
D 2 HOH 51 2051 2051 HOH HOH B . 
# 
loop_
_pdbx_unobs_or_zero_occ_atoms.id 
_pdbx_unobs_or_zero_occ_atoms.PDB_model_num 
_pdbx_unobs_or_zero_occ_atoms.polymer_flag 
_pdbx_unobs_or_zero_occ_atoms.occupancy_flag 
_pdbx_unobs_or_zero_occ_atoms.auth_asym_id 
_pdbx_unobs_or_zero_occ_atoms.auth_comp_id 
_pdbx_unobs_or_zero_occ_atoms.auth_seq_id 
_pdbx_unobs_or_zero_occ_atoms.PDB_ins_code 
_pdbx_unobs_or_zero_occ_atoms.auth_atom_id 
_pdbx_unobs_or_zero_occ_atoms.label_alt_id 
_pdbx_unobs_or_zero_occ_atoms.label_asym_id 
_pdbx_unobs_or_zero_occ_atoms.label_comp_id 
_pdbx_unobs_or_zero_occ_atoms.label_seq_id 
_pdbx_unobs_or_zero_occ_atoms.label_atom_id 
1  1 Y 1 A ARG 1  ? N   ? A ARG 2  N   
2  1 Y 1 A ARG 1  ? CA  ? A ARG 2  CA  
3  1 Y 1 A ARG 1  ? CB  ? A ARG 2  CB  
4  1 Y 1 A ARG 1  ? CG  ? A ARG 2  CG  
5  1 Y 1 A ARG 1  ? CD  ? A ARG 2  CD  
6  1 Y 1 A ARG 1  ? NE  ? A ARG 2  NE  
7  1 Y 1 A ARG 1  ? CZ  ? A ARG 2  CZ  
8  1 Y 1 A ARG 1  ? NH1 ? A ARG 2  NH1 
9  1 Y 1 A ARG 1  ? NH2 ? A ARG 2  NH2 
10 1 Y 1 A LYS 3  ? CD  ? A LYS 4  CD  
11 1 Y 1 A LYS 3  ? CE  ? A LYS 4  CE  
12 1 Y 1 A LYS 3  ? NZ  ? A LYS 4  NZ  
13 1 Y 1 A GLN 4  ? CD  ? A GLN 5  CD  
14 1 Y 1 A GLN 4  ? OE1 ? A GLN 5  OE1 
15 1 Y 1 A GLN 4  ? NE2 ? A GLN 5  NE2 
16 1 Y 1 A LYS 28 ? CE  ? A LYS 29 CE  
17 1 Y 1 A LYS 28 ? NZ  ? A LYS 29 NZ  
18 1 Y 1 A ARG 33 ? CZ  ? A ARG 34 CZ  
19 1 Y 1 A ARG 33 ? NH1 ? A ARG 34 NH1 
20 1 Y 1 A ARG 33 ? NH2 ? A ARG 34 NH2 
21 1 Y 1 B LYS 3  ? NZ  ? B LYS 4  NZ  
22 1 Y 1 B GLN 4  ? CG  ? B GLN 5  CG  
23 1 Y 1 B GLN 4  ? CD  ? B GLN 5  CD  
24 1 Y 1 B GLN 4  ? OE1 ? B GLN 5  OE1 
25 1 Y 1 B GLN 4  ? NE2 ? B GLN 5  NE2 
26 1 Y 1 B ARG 25 ? CD  ? B ARG 26 CD  
27 1 Y 1 B ARG 25 ? NE  ? B ARG 26 NE  
28 1 Y 1 B ARG 25 ? CZ  ? B ARG 26 CZ  
29 1 Y 1 B ARG 25 ? NH1 ? B ARG 26 NH1 
30 1 Y 1 B ARG 25 ? NH2 ? B ARG 26 NH2 
31 1 Y 1 B LYS 28 ? CD  ? B LYS 29 CD  
32 1 Y 1 B LYS 28 ? CE  ? B LYS 29 CE  
33 1 Y 1 B LYS 28 ? NZ  ? B LYS 29 NZ  
34 1 Y 1 B ARG 33 ? CB  ? B ARG 34 CB  
35 1 Y 1 B ARG 33 ? CG  ? B ARG 34 CG  
36 1 Y 1 B ARG 33 ? CD  ? B ARG 34 CD  
37 1 Y 1 B ARG 33 ? NE  ? B ARG 34 NE  
38 1 Y 1 B ARG 33 ? CZ  ? B ARG 34 CZ  
39 1 Y 1 B ARG 33 ? NH1 ? B ARG 34 NH1 
40 1 Y 1 B ARG 33 ? NH2 ? B ARG 34 NH2 
# 
loop_
_software.name 
_software.classification 
_software.version 
_software.citation_id 
_software.pdbx_ordinal 
REFMAC       refinement       5.1.24 ? 1 
CrystalClear 'data reduction' .      ? 2 
CrystalClear 'data scaling'   .      ? 3 
# 
_cell.entry_id           2CCN 
_cell.length_a           35.388 
_cell.length_b           35.384 
_cell.length_c           104.318 
_cell.angle_alpha        90.00 
_cell.angle_beta         90.00 
_cell.angle_gamma        90.00 
_cell.Z_PDB              16 
_cell.pdbx_unique_axis   ? 
# 
_symmetry.entry_id                         2CCN 
_symmetry.space_group_name_H-M             'P 42 21 2' 
_symmetry.pdbx_full_space_group_name_H-M   ? 
_symmetry.cell_setting                     ? 
_symmetry.Int_Tables_number                94 
# 
_exptl.entry_id          2CCN 
_exptl.method            'X-RAY DIFFRACTION' 
_exptl.crystals_number   1 
# 
_exptl_crystal.id                    1 
_exptl_crystal.density_meas          ? 
_exptl_crystal.density_Matthews      1.93 
_exptl_crystal.density_percent_sol   35 
_exptl_crystal.description           ? 
# 
_exptl_crystal_grow.crystal_id      1 
_exptl_crystal_grow.method          ? 
_exptl_crystal_grow.temp            ? 
_exptl_crystal_grow.temp_details    ? 
_exptl_crystal_grow.pH              10.50 
_exptl_crystal_grow.pdbx_pH_range   ? 
_exptl_crystal_grow.pdbx_details    '100MM CAPS PH 10.5, 30% PEG 400' 
# 
_diffrn.id                     1 
_diffrn.ambient_temp           180.0 
_diffrn.ambient_temp_details   ? 
_diffrn.crystal_id             1 
# 
_diffrn_detector.diffrn_id              1 
_diffrn_detector.detector               CCD 
_diffrn_detector.type                   'ADSC CCD' 
_diffrn_detector.pdbx_collection_date   2004-05-20 
_diffrn_detector.details                ? 
# 
_diffrn_radiation.diffrn_id                        1 
_diffrn_radiation.wavelength_id                    1 
_diffrn_radiation.pdbx_monochromatic_or_laue_m_l   M 
_diffrn_radiation.monochromator                    ? 
_diffrn_radiation.pdbx_diffrn_protocol             'SINGLE WAVELENGTH' 
_diffrn_radiation.pdbx_scattering_type             x-ray 
# 
_diffrn_radiation_wavelength.id           1 
_diffrn_radiation_wavelength.wavelength   1.5418 
_diffrn_radiation_wavelength.wt           1.0 
# 
_diffrn_source.diffrn_id                   1 
_diffrn_source.source                      'ROTATING ANODE' 
_diffrn_source.type                        RIGAKU 
_diffrn_source.pdbx_synchrotron_site       ? 
_diffrn_source.pdbx_synchrotron_beamline   ? 
_diffrn_source.pdbx_wavelength             1.5418 
_diffrn_source.pdbx_wavelength_list        ? 
# 
_reflns.pdbx_diffrn_id               1 
_reflns.pdbx_ordinal                 1 
_reflns.entry_id                     2CCN 
_reflns.observed_criterion_sigma_I   2.000 
_reflns.observed_criterion_sigma_F   ? 
_reflns.d_resolution_low             34.770 
_reflns.d_resolution_high            1.600 
_reflns.number_obs                   9395 
_reflns.number_all                   ? 
_reflns.percent_possible_obs         100.0 
_reflns.pdbx_Rmerge_I_obs            0.03000 
_reflns.pdbx_Rsym_value              ? 
_reflns.pdbx_netI_over_sigmaI        27.1000 
_reflns.B_iso_Wilson_estimate        ? 
_reflns.pdbx_redundancy              5.290 
_reflns.pdbx_CC_half                 ? 
_reflns.pdbx_Rpim_I_all              ? 
_reflns.pdbx_Rrim_I_all              ? 
# 
_refine.pdbx_refine_id                           'X-RAY DIFFRACTION' 
_refine.entry_id                                 2CCN 
_refine.pdbx_diffrn_id                           1 
_refine.pdbx_TLS_residual_ADP_flag               ? 
_refine.ls_number_reflns_obs                     8913 
_refine.ls_number_reflns_all                     ? 
_refine.pdbx_ls_sigma_I                          ? 
_refine.pdbx_ls_sigma_F                          2.000 
_refine.pdbx_data_cutoff_high_absF               ? 
_refine.pdbx_data_cutoff_low_absF                ? 
_refine.pdbx_data_cutoff_high_rms_absF           ? 
_refine.ls_d_res_low                             51.99 
_refine.ls_d_res_high                            1.60 
_refine.ls_percent_reflns_obs                    99.6 
_refine.ls_R_factor_obs                          0.219 
_refine.ls_R_factor_all                          ? 
_refine.ls_R_factor_R_work                       0.217 
_refine.ls_R_factor_R_free                       0.259 
_refine.ls_R_factor_R_free_error                 ? 
_refine.ls_R_factor_R_free_error_details         ? 
_refine.ls_percent_reflns_R_free                 4.800 
_refine.ls_number_reflns_R_free                  447 
_refine.ls_number_parameters                     ? 
_refine.ls_number_restraints                     ? 
_refine.occupancy_min                            ? 
_refine.occupancy_max                            ? 
_refine.correlation_coeff_Fo_to_Fc               0.952 
_refine.correlation_coeff_Fo_to_Fc_free          0.929 
_refine.B_iso_mean                               17.75 
_refine.aniso_B[1][1]                            0.66000 
_refine.aniso_B[2][2]                            0.66000 
_refine.aniso_B[3][3]                            -1.32000 
_refine.aniso_B[1][2]                            0.00000 
_refine.aniso_B[1][3]                            0.00000 
_refine.aniso_B[2][3]                            0.00000 
_refine.solvent_model_details                    'BABINET MODEL WITH MASK' 
_refine.solvent_model_param_ksol                 ? 
_refine.solvent_model_param_bsol                 ? 
_refine.pdbx_solvent_vdw_probe_radii             1.40 
_refine.pdbx_solvent_ion_probe_radii             0.80 
_refine.pdbx_solvent_shrinkage_radii             0.80 
_refine.pdbx_ls_cross_valid_method               THROUGHOUT 
_refine.details                                  
'HYDROGENS HAVE BEEN ADDED IN THE RIDING POSITIONS. N TERMINUS OF PEPTIDE IS ACETYLATED WITH ACETIC ANHYDRIDE.' 
_refine.pdbx_starting_model                      ? 
_refine.pdbx_method_to_determine_struct          'MOLECULAR REPLACEMENT' 
_refine.pdbx_isotropic_thermal_model             ? 
_refine.pdbx_stereochemistry_target_values       'MAXIMUM LIKELIHOOD' 
_refine.pdbx_stereochem_target_val_spec_case     ? 
_refine.pdbx_R_Free_selection_details            RANDOM 
_refine.pdbx_overall_ESU_R                       0.108 
_refine.pdbx_overall_ESU_R_Free                  0.110 
_refine.overall_SU_ML                            0.056 
_refine.pdbx_overall_phase_error                 ? 
_refine.overall_SU_B                             1.572 
_refine.overall_SU_R_Cruickshank_DPI             ? 
_refine.pdbx_overall_SU_R_free_Cruickshank_DPI   ? 
_refine.pdbx_overall_SU_R_Blow_DPI               ? 
_refine.pdbx_overall_SU_R_free_Blow_DPI          ? 
# 
_refine_hist.pdbx_refine_id                   'X-RAY DIFFRACTION' 
_refine_hist.cycle_id                         LAST 
_refine_hist.pdbx_number_atoms_protein        520 
_refine_hist.pdbx_number_atoms_nucleic_acid   0 
_refine_hist.pdbx_number_atoms_ligand         0 
_refine_hist.number_atoms_solvent             83 
_refine_hist.number_atoms_total               603 
_refine_hist.d_res_high                       1.60 
_refine_hist.d_res_low                        51.99 
# 
_refine_ls_shell.pdbx_refine_id                   'X-RAY DIFFRACTION' 
_refine_ls_shell.pdbx_total_number_of_bins_used   20 
_refine_ls_shell.d_res_high                       1.60 
_refine_ls_shell.d_res_low                        1.64 
_refine_ls_shell.number_reflns_R_work             605 
_refine_ls_shell.R_factor_R_work                  0.3770 
_refine_ls_shell.percent_reflns_obs               ? 
_refine_ls_shell.R_factor_R_free                  0.4520 
_refine_ls_shell.R_factor_R_free_error            ? 
_refine_ls_shell.percent_reflns_R_free            ? 
_refine_ls_shell.number_reflns_R_free             35 
_refine_ls_shell.number_reflns_all                ? 
_refine_ls_shell.R_factor_all                     ? 
_refine_ls_shell.R_factor_obs                     ? 
_refine_ls_shell.number_reflns_obs                ? 
# 
_struct.entry_id                  2CCN 
_struct.title                     'pLI E20C is antiparallel' 
_struct.pdbx_model_details        ? 
_struct.pdbx_CASP_flag            ? 
_struct.pdbx_model_type_details   ? 
# 
_struct_keywords.entry_id        2CCN 
_struct_keywords.pdbx_keywords   'FOUR HELIX BUNDLE' 
_struct_keywords.text            
;FOUR HELIX BUNDLE, ANTIPARALLEL, PARALLEL, PLI, DNA-BINDING, NUCLEAR PROTEIN, TRANSCRIPTION, TRANSCRIPTION REGULATION, ACTIVATOR, AMINO-ACID BIOSYNTHESIS
;
# 
loop_
_struct_asym.id 
_struct_asym.pdbx_blank_PDB_chainid_flag 
_struct_asym.pdbx_modified 
_struct_asym.entity_id 
_struct_asym.details 
A N N 1 ? 
B N N 1 ? 
C N N 2 ? 
D N N 2 ? 
# 
_struct_ref.id                         1 
_struct_ref.db_name                    UNP 
_struct_ref.db_code                    GCN4_YEAST 
_struct_ref.pdbx_db_accession          P03069 
_struct_ref.pdbx_db_isoform            ? 
_struct_ref.entity_id                  1 
_struct_ref.pdbx_seq_one_letter_code   RMKQLEDKVEELLSKNYHLENEVARLKKLVGER 
_struct_ref.pdbx_align_begin           249 
# 
loop_
_struct_ref_seq.align_id 
_struct_ref_seq.ref_id 
_struct_ref_seq.pdbx_PDB_id_code 
_struct_ref_seq.pdbx_strand_id 
_struct_ref_seq.seq_align_beg 
_struct_ref_seq.pdbx_seq_align_beg_ins_code 
_struct_ref_seq.seq_align_end 
_struct_ref_seq.pdbx_seq_align_end_ins_code 
_struct_ref_seq.pdbx_db_accession 
_struct_ref_seq.db_align_beg 
_struct_ref_seq.pdbx_db_align_beg_ins_code 
_struct_ref_seq.db_align_end 
_struct_ref_seq.pdbx_db_align_end_ins_code 
_struct_ref_seq.pdbx_auth_seq_align_beg 
_struct_ref_seq.pdbx_auth_seq_align_end 
1 1 2CCN A 2 ? 34 ? P03069 249 ? 281 ? 1 33 
2 1 2CCN B 2 ? 34 ? P03069 249 ? 281 ? 1 33 
# 
loop_
_struct_ref_seq_dif.align_id 
_struct_ref_seq_dif.pdbx_pdb_id_code 
_struct_ref_seq_dif.mon_id 
_struct_ref_seq_dif.pdbx_pdb_strand_id 
_struct_ref_seq_dif.seq_num 
_struct_ref_seq_dif.pdbx_pdb_ins_code 
_struct_ref_seq_dif.pdbx_seq_db_name 
_struct_ref_seq_dif.pdbx_seq_db_accession_code 
_struct_ref_seq_dif.db_mon_id 
_struct_ref_seq_dif.pdbx_seq_db_seq_num 
_struct_ref_seq_dif.details 
_struct_ref_seq_dif.pdbx_auth_seq_num 
_struct_ref_seq_dif.pdbx_ordinal 
1 2CCN ACE A 1  ? UNP P03069 ?   ?   'expression tag'      0  1  
1 2CCN ILE A 6  ? UNP P03069 LEU 253 'engineered mutation' 5  2  
1 2CCN LEU A 10 ? UNP P03069 VAL 257 'engineered mutation' 9  3  
1 2CCN ILE A 13 ? UNP P03069 LEU 260 'engineered mutation' 12 4  
1 2CCN LEU A 17 ? UNP P03069 ASN 264 'engineered mutation' 16 5  
1 2CCN ILE A 20 ? UNP P03069 LEU 267 'engineered mutation' 19 6  
1 2CCN CYS A 21 ? UNP P03069 GLU 268 'engineered mutation' 20 7  
1 2CCN LEU A 24 ? UNP P03069 VAL 271 'engineered mutation' 23 8  
1 2CCN ILE A 27 ? UNP P03069 LEU 274 'engineered mutation' 26 9  
1 2CCN LEU A 31 ? UNP P03069 VAL 278 'engineered mutation' 30 10 
2 2CCN ACE B 1  ? UNP P03069 ?   ?   'expression tag'      0  11 
2 2CCN ILE B 6  ? UNP P03069 LEU 253 'engineered mutation' 5  12 
2 2CCN LEU B 10 ? UNP P03069 VAL 257 'engineered mutation' 9  13 
2 2CCN ILE B 13 ? UNP P03069 LEU 260 'engineered mutation' 12 14 
2 2CCN LEU B 17 ? UNP P03069 ASN 264 'engineered mutation' 16 15 
2 2CCN ILE B 20 ? UNP P03069 LEU 267 'engineered mutation' 19 16 
2 2CCN CYS B 21 ? UNP P03069 GLU 268 'engineered mutation' 20 17 
2 2CCN LEU B 24 ? UNP P03069 VAL 271 'engineered mutation' 23 18 
2 2CCN ILE B 27 ? UNP P03069 LEU 274 'engineered mutation' 26 19 
2 2CCN LEU B 31 ? UNP P03069 VAL 278 'engineered mutation' 30 20 
# 
_pdbx_struct_assembly.id                   1 
_pdbx_struct_assembly.details              author_and_software_defined_assembly 
_pdbx_struct_assembly.method_details       PQS 
_pdbx_struct_assembly.oligomeric_details   tetrameric 
_pdbx_struct_assembly.oligomeric_count     4 
# 
_pdbx_struct_assembly_gen.assembly_id       1 
_pdbx_struct_assembly_gen.oper_expression   1,2 
_pdbx_struct_assembly_gen.asym_id_list      A,B,C,D 
# 
loop_
_pdbx_struct_oper_list.id 
_pdbx_struct_oper_list.type 
_pdbx_struct_oper_list.name 
_pdbx_struct_oper_list.symmetry_operation 
_pdbx_struct_oper_list.matrix[1][1] 
_pdbx_struct_oper_list.matrix[1][2] 
_pdbx_struct_oper_list.matrix[1][3] 
_pdbx_struct_oper_list.vector[1] 
_pdbx_struct_oper_list.matrix[2][1] 
_pdbx_struct_oper_list.matrix[2][2] 
_pdbx_struct_oper_list.matrix[2][3] 
_pdbx_struct_oper_list.vector[2] 
_pdbx_struct_oper_list.matrix[3][1] 
_pdbx_struct_oper_list.matrix[3][2] 
_pdbx_struct_oper_list.matrix[3][3] 
_pdbx_struct_oper_list.vector[3] 
1 'identity operation'         1_555 x,y,z       1.0000000000  0.0000000000  0.0000000000  0.0000000000  0.0000000000  1.0000000000 0.0000000000 0.0000000000  0.0000000000  0.0000000000 1.0000000000  0.0000000000  
2 'crystal symmetry operation' 2_765 -x+2,-y+1,z -0.8439816830 -0.4490530245 -0.2933364959 -8.5099836131 -0.4490530245 0.2924675946 0.8442831795 -1.4254404357 -0.2933364959 0.8442831795 -0.4484859116 -2.3441167098 
# 
loop_
_struct_conf.conf_type_id 
_struct_conf.id 
_struct_conf.pdbx_PDB_helix_id 
_struct_conf.beg_label_comp_id 
_struct_conf.beg_label_asym_id 
_struct_conf.beg_label_seq_id 
_struct_conf.pdbx_beg_PDB_ins_code 
_struct_conf.end_label_comp_id 
_struct_conf.end_label_asym_id 
_struct_conf.end_label_seq_id 
_struct_conf.pdbx_end_PDB_ins_code 
_struct_conf.beg_auth_comp_id 
_struct_conf.beg_auth_asym_id 
_struct_conf.beg_auth_seq_id 
_struct_conf.end_auth_comp_id 
_struct_conf.end_auth_asym_id 
_struct_conf.end_auth_seq_id 
_struct_conf.pdbx_PDB_helix_class 
_struct_conf.details 
_struct_conf.pdbx_PDB_helix_length 
HELX_P HELX_P1 1 MET A 3 ? GLU A 33 ? MET A 2 GLU A 32 1 ? 31 
HELX_P HELX_P2 2 ARG B 2 ? GLU B 33 ? ARG B 1 GLU B 32 1 ? 32 
# 
_struct_conf_type.id          HELX_P 
_struct_conf_type.criteria    ? 
_struct_conf_type.reference   ? 
# 
_pdbx_entry_details.entry_id                   2CCN 
_pdbx_entry_details.compound_details           
;ENGINEERED RESIDUE IN CHAIN A, GLU 268 TO CYS
ENGINEERED RESIDUE IN CHAIN B, GLU 268 TO CYS
;
_pdbx_entry_details.source_details             ? 
_pdbx_entry_details.nonpolymer_details         ? 
_pdbx_entry_details.sequence_details           ? 
_pdbx_entry_details.has_ligand_of_interest     ? 
_pdbx_entry_details.has_protein_modification   N 
# 
loop_
_pdbx_validate_close_contact.id 
_pdbx_validate_close_contact.PDB_model_num 
_pdbx_validate_close_contact.auth_atom_id_1 
_pdbx_validate_close_contact.auth_asym_id_1 
_pdbx_validate_close_contact.auth_comp_id_1 
_pdbx_validate_close_contact.auth_seq_id_1 
_pdbx_validate_close_contact.PDB_ins_code_1 
_pdbx_validate_close_contact.label_alt_id_1 
_pdbx_validate_close_contact.auth_atom_id_2 
_pdbx_validate_close_contact.auth_asym_id_2 
_pdbx_validate_close_contact.auth_comp_id_2 
_pdbx_validate_close_contact.auth_seq_id_2 
_pdbx_validate_close_contact.PDB_ins_code_2 
_pdbx_validate_close_contact.label_alt_id_2 
_pdbx_validate_close_contact.dist 
1 1 O  B HOH 2010 ? ? O B HOH 2011 ? ? 1.90 
2 1 O  A HOH 2002 ? ? O A HOH 2004 ? ? 1.96 
3 1 O  B HOH 2009 ? ? O B HOH 2020 ? ? 1.99 
4 1 CD B ARG 1    ? ? O B HOH 2003 ? ? 2.11 
5 1 N  B ARG 1    ? ? O B HOH 2001 ? ? 2.12 
# 
loop_
_pdbx_validate_rmsd_bond.id 
_pdbx_validate_rmsd_bond.PDB_model_num 
_pdbx_validate_rmsd_bond.auth_atom_id_1 
_pdbx_validate_rmsd_bond.auth_asym_id_1 
_pdbx_validate_rmsd_bond.auth_comp_id_1 
_pdbx_validate_rmsd_bond.auth_seq_id_1 
_pdbx_validate_rmsd_bond.PDB_ins_code_1 
_pdbx_validate_rmsd_bond.label_alt_id_1 
_pdbx_validate_rmsd_bond.auth_atom_id_2 
_pdbx_validate_rmsd_bond.auth_asym_id_2 
_pdbx_validate_rmsd_bond.auth_comp_id_2 
_pdbx_validate_rmsd_bond.auth_seq_id_2 
_pdbx_validate_rmsd_bond.PDB_ins_code_2 
_pdbx_validate_rmsd_bond.label_alt_id_2 
_pdbx_validate_rmsd_bond.bond_value 
_pdbx_validate_rmsd_bond.bond_target_value 
_pdbx_validate_rmsd_bond.bond_deviation 
_pdbx_validate_rmsd_bond.bond_standard_deviation 
_pdbx_validate_rmsd_bond.linker_flag 
1 1 CG  A MET 2  ? ? SD  A MET 2  ? ? 1.969 1.807 0.162  0.026 N 
2 1 CB  A TYR 17 ? ? CG  A TYR 17 ? ? 1.411 1.512 -0.101 0.015 N 
3 1 CG  A TYR 17 ? ? CD2 A TYR 17 ? ? 1.288 1.387 -0.099 0.013 N 
4 1 CE1 A TYR 17 ? ? CZ  A TYR 17 ? ? 1.288 1.381 -0.093 0.013 N 
5 1 CD  A GLU 32 ? ? OE1 A GLU 32 ? ? 1.328 1.252 0.076  0.011 N 
6 1 CG  B TYR 17 ? ? CD1 B TYR 17 ? ? 1.246 1.387 -0.141 0.013 N 
# 
loop_
_pdbx_validate_rmsd_angle.id 
_pdbx_validate_rmsd_angle.PDB_model_num 
_pdbx_validate_rmsd_angle.auth_atom_id_1 
_pdbx_validate_rmsd_angle.auth_asym_id_1 
_pdbx_validate_rmsd_angle.auth_comp_id_1 
_pdbx_validate_rmsd_angle.auth_seq_id_1 
_pdbx_validate_rmsd_angle.PDB_ins_code_1 
_pdbx_validate_rmsd_angle.label_alt_id_1 
_pdbx_validate_rmsd_angle.auth_atom_id_2 
_pdbx_validate_rmsd_angle.auth_asym_id_2 
_pdbx_validate_rmsd_angle.auth_comp_id_2 
_pdbx_validate_rmsd_angle.auth_seq_id_2 
_pdbx_validate_rmsd_angle.PDB_ins_code_2 
_pdbx_validate_rmsd_angle.label_alt_id_2 
_pdbx_validate_rmsd_angle.auth_atom_id_3 
_pdbx_validate_rmsd_angle.auth_asym_id_3 
_pdbx_validate_rmsd_angle.auth_comp_id_3 
_pdbx_validate_rmsd_angle.auth_seq_id_3 
_pdbx_validate_rmsd_angle.PDB_ins_code_3 
_pdbx_validate_rmsd_angle.label_alt_id_3 
_pdbx_validate_rmsd_angle.angle_value 
_pdbx_validate_rmsd_angle.angle_target_value 
_pdbx_validate_rmsd_angle.angle_deviation 
_pdbx_validate_rmsd_angle.angle_standard_deviation 
_pdbx_validate_rmsd_angle.linker_flag 
1  1 CG A MET 2  ? ? SD A MET 2  ? ? CE  A MET 2  ? ? 113.07 100.20 12.87  1.60 N 
2  1 CB A ASP 7  ? ? CG A ASP 7  ? ? OD2 A ASP 7  ? ? 112.82 118.30 -5.48  0.90 N 
3  1 CB A TYR 17 ? ? CG A TYR 17 ? ? CD1 A TYR 17 ? ? 117.28 121.00 -3.72  0.60 N 
4  1 NE A ARG 25 ? ? CZ A ARG 25 ? ? NH1 A ARG 25 ? ? 123.51 120.30 3.21   0.50 N 
5  1 NE A ARG 25 ? ? CZ A ARG 25 ? ? NH2 A ARG 25 ? ? 117.24 120.30 -3.06  0.50 N 
6  1 CB B ASP 7  ? ? CG B ASP 7  ? ? OD2 B ASP 7  ? ? 111.28 118.30 -7.02  0.90 N 
7  1 CB B TYR 17 ? ? CG B TYR 17 ? ? CD2 B TYR 17 ? ? 117.18 121.00 -3.82  0.60 N 
8  1 CA B LEU 29 ? ? CB B LEU 29 ? ? CG  B LEU 29 ? ? 135.40 115.30 20.10  2.30 N 
9  1 CB B LEU 29 ? ? CG B LEU 29 ? ? CD2 B LEU 29 ? ? 124.87 111.00 13.87  1.70 N 
10 1 CB B LEU 30 ? ? CG B LEU 30 ? ? CD1 B LEU 30 ? ? 99.85  111.00 -11.15 1.70 N 
# 
_pdbx_validate_planes.id              1 
_pdbx_validate_planes.PDB_model_num   1 
_pdbx_validate_planes.auth_comp_id    HIS 
_pdbx_validate_planes.auth_asym_id    A 
_pdbx_validate_planes.auth_seq_id     18 
_pdbx_validate_planes.PDB_ins_code    ? 
_pdbx_validate_planes.label_alt_id    ? 
_pdbx_validate_planes.rmsd            0.076 
_pdbx_validate_planes.type            'SIDE CHAIN' 
# 
_pdbx_struct_special_symmetry.id              1 
_pdbx_struct_special_symmetry.PDB_model_num   1 
_pdbx_struct_special_symmetry.auth_asym_id    A 
_pdbx_struct_special_symmetry.auth_comp_id    HOH 
_pdbx_struct_special_symmetry.auth_seq_id     2020 
_pdbx_struct_special_symmetry.PDB_ins_code    ? 
_pdbx_struct_special_symmetry.label_asym_id   C 
_pdbx_struct_special_symmetry.label_comp_id   HOH 
_pdbx_struct_special_symmetry.label_seq_id    . 
# 
loop_
_pdbx_unobs_or_zero_occ_residues.id 
_pdbx_unobs_or_zero_occ_residues.PDB_model_num 
_pdbx_unobs_or_zero_occ_residues.polymer_flag 
_pdbx_unobs_or_zero_occ_residues.occupancy_flag 
_pdbx_unobs_or_zero_occ_residues.auth_asym_id 
_pdbx_unobs_or_zero_occ_residues.auth_comp_id 
_pdbx_unobs_or_zero_occ_residues.auth_seq_id 
_pdbx_unobs_or_zero_occ_residues.PDB_ins_code 
_pdbx_unobs_or_zero_occ_residues.label_asym_id 
_pdbx_unobs_or_zero_occ_residues.label_comp_id 
_pdbx_unobs_or_zero_occ_residues.label_seq_id 
1 1 Y 1 A ACE 0 ? A ACE 1 
2 1 Y 1 B ACE 0 ? B ACE 1 
# 
loop_
_chem_comp_atom.comp_id 
_chem_comp_atom.atom_id 
_chem_comp_atom.type_symbol 
_chem_comp_atom.pdbx_aromatic_flag 
_chem_comp_atom.pdbx_stereo_config 
_chem_comp_atom.pdbx_ordinal 
ACE C    C N N 1   
ACE O    O N N 2   
ACE CH3  C N N 3   
ACE H    H N N 4   
ACE H1   H N N 5   
ACE H2   H N N 6   
ACE H3   H N N 7   
ALA N    N N N 8   
ALA CA   C N S 9   
ALA C    C N N 10  
ALA O    O N N 11  
ALA CB   C N N 12  
ALA OXT  O N N 13  
ALA H    H N N 14  
ALA H2   H N N 15  
ALA HA   H N N 16  
ALA HB1  H N N 17  
ALA HB2  H N N 18  
ALA HB3  H N N 19  
ALA HXT  H N N 20  
ARG N    N N N 21  
ARG CA   C N S 22  
ARG C    C N N 23  
ARG O    O N N 24  
ARG CB   C N N 25  
ARG CG   C N N 26  
ARG CD   C N N 27  
ARG NE   N N N 28  
ARG CZ   C N N 29  
ARG NH1  N N N 30  
ARG NH2  N N N 31  
ARG OXT  O N N 32  
ARG H    H N N 33  
ARG H2   H N N 34  
ARG HA   H N N 35  
ARG HB2  H N N 36  
ARG HB3  H N N 37  
ARG HG2  H N N 38  
ARG HG3  H N N 39  
ARG HD2  H N N 40  
ARG HD3  H N N 41  
ARG HE   H N N 42  
ARG HH11 H N N 43  
ARG HH12 H N N 44  
ARG HH21 H N N 45  
ARG HH22 H N N 46  
ARG HXT  H N N 47  
ASN N    N N N 48  
ASN CA   C N S 49  
ASN C    C N N 50  
ASN O    O N N 51  
ASN CB   C N N 52  
ASN CG   C N N 53  
ASN OD1  O N N 54  
ASN ND2  N N N 55  
ASN OXT  O N N 56  
ASN H    H N N 57  
ASN H2   H N N 58  
ASN HA   H N N 59  
ASN HB2  H N N 60  
ASN HB3  H N N 61  
ASN HD21 H N N 62  
ASN HD22 H N N 63  
ASN HXT  H N N 64  
ASP N    N N N 65  
ASP CA   C N S 66  
ASP C    C N N 67  
ASP O    O N N 68  
ASP CB   C N N 69  
ASP CG   C N N 70  
ASP OD1  O N N 71  
ASP OD2  O N N 72  
ASP OXT  O N N 73  
ASP H    H N N 74  
ASP H2   H N N 75  
ASP HA   H N N 76  
ASP HB2  H N N 77  
ASP HB3  H N N 78  
ASP HD2  H N N 79  
ASP HXT  H N N 80  
CYS N    N N N 81  
CYS CA   C N R 82  
CYS C    C N N 83  
CYS O    O N N 84  
CYS CB   C N N 85  
CYS SG   S N N 86  
CYS OXT  O N N 87  
CYS H    H N N 88  
CYS H2   H N N 89  
CYS HA   H N N 90  
CYS HB2  H N N 91  
CYS HB3  H N N 92  
CYS HG   H N N 93  
CYS HXT  H N N 94  
GLN N    N N N 95  
GLN CA   C N S 96  
GLN C    C N N 97  
GLN O    O N N 98  
GLN CB   C N N 99  
GLN CG   C N N 100 
GLN CD   C N N 101 
GLN OE1  O N N 102 
GLN NE2  N N N 103 
GLN OXT  O N N 104 
GLN H    H N N 105 
GLN H2   H N N 106 
GLN HA   H N N 107 
GLN HB2  H N N 108 
GLN HB3  H N N 109 
GLN HG2  H N N 110 
GLN HG3  H N N 111 
GLN HE21 H N N 112 
GLN HE22 H N N 113 
GLN HXT  H N N 114 
GLU N    N N N 115 
GLU CA   C N S 116 
GLU C    C N N 117 
GLU O    O N N 118 
GLU CB   C N N 119 
GLU CG   C N N 120 
GLU CD   C N N 121 
GLU OE1  O N N 122 
GLU OE2  O N N 123 
GLU OXT  O N N 124 
GLU H    H N N 125 
GLU H2   H N N 126 
GLU HA   H N N 127 
GLU HB2  H N N 128 
GLU HB3  H N N 129 
GLU HG2  H N N 130 
GLU HG3  H N N 131 
GLU HE2  H N N 132 
GLU HXT  H N N 133 
GLY N    N N N 134 
GLY CA   C N N 135 
GLY C    C N N 136 
GLY O    O N N 137 
GLY OXT  O N N 138 
GLY H    H N N 139 
GLY H2   H N N 140 
GLY HA2  H N N 141 
GLY HA3  H N N 142 
GLY HXT  H N N 143 
HIS N    N N N 144 
HIS CA   C N S 145 
HIS C    C N N 146 
HIS O    O N N 147 
HIS CB   C N N 148 
HIS CG   C Y N 149 
HIS ND1  N Y N 150 
HIS CD2  C Y N 151 
HIS CE1  C Y N 152 
HIS NE2  N Y N 153 
HIS OXT  O N N 154 
HIS H    H N N 155 
HIS H2   H N N 156 
HIS HA   H N N 157 
HIS HB2  H N N 158 
HIS HB3  H N N 159 
HIS HD1  H N N 160 
HIS HD2  H N N 161 
HIS HE1  H N N 162 
HIS HE2  H N N 163 
HIS HXT  H N N 164 
HOH O    O N N 165 
HOH H1   H N N 166 
HOH H2   H N N 167 
ILE N    N N N 168 
ILE CA   C N S 169 
ILE C    C N N 170 
ILE O    O N N 171 
ILE CB   C N S 172 
ILE CG1  C N N 173 
ILE CG2  C N N 174 
ILE CD1  C N N 175 
ILE OXT  O N N 176 
ILE H    H N N 177 
ILE H2   H N N 178 
ILE HA   H N N 179 
ILE HB   H N N 180 
ILE HG12 H N N 181 
ILE HG13 H N N 182 
ILE HG21 H N N 183 
ILE HG22 H N N 184 
ILE HG23 H N N 185 
ILE HD11 H N N 186 
ILE HD12 H N N 187 
ILE HD13 H N N 188 
ILE HXT  H N N 189 
LEU N    N N N 190 
LEU CA   C N S 191 
LEU C    C N N 192 
LEU O    O N N 193 
LEU CB   C N N 194 
LEU CG   C N N 195 
LEU CD1  C N N 196 
LEU CD2  C N N 197 
LEU OXT  O N N 198 
LEU H    H N N 199 
LEU H2   H N N 200 
LEU HA   H N N 201 
LEU HB2  H N N 202 
LEU HB3  H N N 203 
LEU HG   H N N 204 
LEU HD11 H N N 205 
LEU HD12 H N N 206 
LEU HD13 H N N 207 
LEU HD21 H N N 208 
LEU HD22 H N N 209 
LEU HD23 H N N 210 
LEU HXT  H N N 211 
LYS N    N N N 212 
LYS CA   C N S 213 
LYS C    C N N 214 
LYS O    O N N 215 
LYS CB   C N N 216 
LYS CG   C N N 217 
LYS CD   C N N 218 
LYS CE   C N N 219 
LYS NZ   N N N 220 
LYS OXT  O N N 221 
LYS H    H N N 222 
LYS H2   H N N 223 
LYS HA   H N N 224 
LYS HB2  H N N 225 
LYS HB3  H N N 226 
LYS HG2  H N N 227 
LYS HG3  H N N 228 
LYS HD2  H N N 229 
LYS HD3  H N N 230 
LYS HE2  H N N 231 
LYS HE3  H N N 232 
LYS HZ1  H N N 233 
LYS HZ2  H N N 234 
LYS HZ3  H N N 235 
LYS HXT  H N N 236 
MET N    N N N 237 
MET CA   C N S 238 
MET C    C N N 239 
MET O    O N N 240 
MET CB   C N N 241 
MET CG   C N N 242 
MET SD   S N N 243 
MET CE   C N N 244 
MET OXT  O N N 245 
MET H    H N N 246 
MET H2   H N N 247 
MET HA   H N N 248 
MET HB2  H N N 249 
MET HB3  H N N 250 
MET HG2  H N N 251 
MET HG3  H N N 252 
MET HE1  H N N 253 
MET HE2  H N N 254 
MET HE3  H N N 255 
MET HXT  H N N 256 
SER N    N N N 257 
SER CA   C N S 258 
SER C    C N N 259 
SER O    O N N 260 
SER CB   C N N 261 
SER OG   O N N 262 
SER OXT  O N N 263 
SER H    H N N 264 
SER H2   H N N 265 
SER HA   H N N 266 
SER HB2  H N N 267 
SER HB3  H N N 268 
SER HG   H N N 269 
SER HXT  H N N 270 
TYR N    N N N 271 
TYR CA   C N S 272 
TYR C    C N N 273 
TYR O    O N N 274 
TYR CB   C N N 275 
TYR CG   C Y N 276 
TYR CD1  C Y N 277 
TYR CD2  C Y N 278 
TYR CE1  C Y N 279 
TYR CE2  C Y N 280 
TYR CZ   C Y N 281 
TYR OH   O N N 282 
TYR OXT  O N N 283 
TYR H    H N N 284 
TYR H2   H N N 285 
TYR HA   H N N 286 
TYR HB2  H N N 287 
TYR HB3  H N N 288 
TYR HD1  H N N 289 
TYR HD2  H N N 290 
TYR HE1  H N N 291 
TYR HE2  H N N 292 
TYR HH   H N N 293 
TYR HXT  H N N 294 
VAL N    N N N 295 
VAL CA   C N S 296 
VAL C    C N N 297 
VAL O    O N N 298 
VAL CB   C N N 299 
VAL CG1  C N N 300 
VAL CG2  C N N 301 
VAL OXT  O N N 302 
VAL H    H N N 303 
VAL H2   H N N 304 
VAL HA   H N N 305 
VAL HB   H N N 306 
VAL HG11 H N N 307 
VAL HG12 H N N 308 
VAL HG13 H N N 309 
VAL HG21 H N N 310 
VAL HG22 H N N 311 
VAL HG23 H N N 312 
VAL HXT  H N N 313 
# 
loop_
_chem_comp_bond.comp_id 
_chem_comp_bond.atom_id_1 
_chem_comp_bond.atom_id_2 
_chem_comp_bond.value_order 
_chem_comp_bond.pdbx_aromatic_flag 
_chem_comp_bond.pdbx_stereo_config 
_chem_comp_bond.pdbx_ordinal 
ACE C   O    doub N N 1   
ACE C   CH3  sing N N 2   
ACE C   H    sing N N 3   
ACE CH3 H1   sing N N 4   
ACE CH3 H2   sing N N 5   
ACE CH3 H3   sing N N 6   
ALA N   CA   sing N N 7   
ALA N   H    sing N N 8   
ALA N   H2   sing N N 9   
ALA CA  C    sing N N 10  
ALA CA  CB   sing N N 11  
ALA CA  HA   sing N N 12  
ALA C   O    doub N N 13  
ALA C   OXT  sing N N 14  
ALA CB  HB1  sing N N 15  
ALA CB  HB2  sing N N 16  
ALA CB  HB3  sing N N 17  
ALA OXT HXT  sing N N 18  
ARG N   CA   sing N N 19  
ARG N   H    sing N N 20  
ARG N   H2   sing N N 21  
ARG CA  C    sing N N 22  
ARG CA  CB   sing N N 23  
ARG CA  HA   sing N N 24  
ARG C   O    doub N N 25  
ARG C   OXT  sing N N 26  
ARG CB  CG   sing N N 27  
ARG CB  HB2  sing N N 28  
ARG CB  HB3  sing N N 29  
ARG CG  CD   sing N N 30  
ARG CG  HG2  sing N N 31  
ARG CG  HG3  sing N N 32  
ARG CD  NE   sing N N 33  
ARG CD  HD2  sing N N 34  
ARG CD  HD3  sing N N 35  
ARG NE  CZ   sing N N 36  
ARG NE  HE   sing N N 37  
ARG CZ  NH1  sing N N 38  
ARG CZ  NH2  doub N N 39  
ARG NH1 HH11 sing N N 40  
ARG NH1 HH12 sing N N 41  
ARG NH2 HH21 sing N N 42  
ARG NH2 HH22 sing N N 43  
ARG OXT HXT  sing N N 44  
ASN N   CA   sing N N 45  
ASN N   H    sing N N 46  
ASN N   H2   sing N N 47  
ASN CA  C    sing N N 48  
ASN CA  CB   sing N N 49  
ASN CA  HA   sing N N 50  
ASN C   O    doub N N 51  
ASN C   OXT  sing N N 52  
ASN CB  CG   sing N N 53  
ASN CB  HB2  sing N N 54  
ASN CB  HB3  sing N N 55  
ASN CG  OD1  doub N N 56  
ASN CG  ND2  sing N N 57  
ASN ND2 HD21 sing N N 58  
ASN ND2 HD22 sing N N 59  
ASN OXT HXT  sing N N 60  
ASP N   CA   sing N N 61  
ASP N   H    sing N N 62  
ASP N   H2   sing N N 63  
ASP CA  C    sing N N 64  
ASP CA  CB   sing N N 65  
ASP CA  HA   sing N N 66  
ASP C   O    doub N N 67  
ASP C   OXT  sing N N 68  
ASP CB  CG   sing N N 69  
ASP CB  HB2  sing N N 70  
ASP CB  HB3  sing N N 71  
ASP CG  OD1  doub N N 72  
ASP CG  OD2  sing N N 73  
ASP OD2 HD2  sing N N 74  
ASP OXT HXT  sing N N 75  
CYS N   CA   sing N N 76  
CYS N   H    sing N N 77  
CYS N   H2   sing N N 78  
CYS CA  C    sing N N 79  
CYS CA  CB   sing N N 80  
CYS CA  HA   sing N N 81  
CYS C   O    doub N N 82  
CYS C   OXT  sing N N 83  
CYS CB  SG   sing N N 84  
CYS CB  HB2  sing N N 85  
CYS CB  HB3  sing N N 86  
CYS SG  HG   sing N N 87  
CYS OXT HXT  sing N N 88  
GLN N   CA   sing N N 89  
GLN N   H    sing N N 90  
GLN N   H2   sing N N 91  
GLN CA  C    sing N N 92  
GLN CA  CB   sing N N 93  
GLN CA  HA   sing N N 94  
GLN C   O    doub N N 95  
GLN C   OXT  sing N N 96  
GLN CB  CG   sing N N 97  
GLN CB  HB2  sing N N 98  
GLN CB  HB3  sing N N 99  
GLN CG  CD   sing N N 100 
GLN CG  HG2  sing N N 101 
GLN CG  HG3  sing N N 102 
GLN CD  OE1  doub N N 103 
GLN CD  NE2  sing N N 104 
GLN NE2 HE21 sing N N 105 
GLN NE2 HE22 sing N N 106 
GLN OXT HXT  sing N N 107 
GLU N   CA   sing N N 108 
GLU N   H    sing N N 109 
GLU N   H2   sing N N 110 
GLU CA  C    sing N N 111 
GLU CA  CB   sing N N 112 
GLU CA  HA   sing N N 113 
GLU C   O    doub N N 114 
GLU C   OXT  sing N N 115 
GLU CB  CG   sing N N 116 
GLU CB  HB2  sing N N 117 
GLU CB  HB3  sing N N 118 
GLU CG  CD   sing N N 119 
GLU CG  HG2  sing N N 120 
GLU CG  HG3  sing N N 121 
GLU CD  OE1  doub N N 122 
GLU CD  OE2  sing N N 123 
GLU OE2 HE2  sing N N 124 
GLU OXT HXT  sing N N 125 
GLY N   CA   sing N N 126 
GLY N   H    sing N N 127 
GLY N   H2   sing N N 128 
GLY CA  C    sing N N 129 
GLY CA  HA2  sing N N 130 
GLY CA  HA3  sing N N 131 
GLY C   O    doub N N 132 
GLY C   OXT  sing N N 133 
GLY OXT HXT  sing N N 134 
HIS N   CA   sing N N 135 
HIS N   H    sing N N 136 
HIS N   H2   sing N N 137 
HIS CA  C    sing N N 138 
HIS CA  CB   sing N N 139 
HIS CA  HA   sing N N 140 
HIS C   O    doub N N 141 
HIS C   OXT  sing N N 142 
HIS CB  CG   sing N N 143 
HIS CB  HB2  sing N N 144 
HIS CB  HB3  sing N N 145 
HIS CG  ND1  sing Y N 146 
HIS CG  CD2  doub Y N 147 
HIS ND1 CE1  doub Y N 148 
HIS ND1 HD1  sing N N 149 
HIS CD2 NE2  sing Y N 150 
HIS CD2 HD2  sing N N 151 
HIS CE1 NE2  sing Y N 152 
HIS CE1 HE1  sing N N 153 
HIS NE2 HE2  sing N N 154 
HIS OXT HXT  sing N N 155 
HOH O   H1   sing N N 156 
HOH O   H2   sing N N 157 
ILE N   CA   sing N N 158 
ILE N   H    sing N N 159 
ILE N   H2   sing N N 160 
ILE CA  C    sing N N 161 
ILE CA  CB   sing N N 162 
ILE CA  HA   sing N N 163 
ILE C   O    doub N N 164 
ILE C   OXT  sing N N 165 
ILE CB  CG1  sing N N 166 
ILE CB  CG2  sing N N 167 
ILE CB  HB   sing N N 168 
ILE CG1 CD1  sing N N 169 
ILE CG1 HG12 sing N N 170 
ILE CG1 HG13 sing N N 171 
ILE CG2 HG21 sing N N 172 
ILE CG2 HG22 sing N N 173 
ILE CG2 HG23 sing N N 174 
ILE CD1 HD11 sing N N 175 
ILE CD1 HD12 sing N N 176 
ILE CD1 HD13 sing N N 177 
ILE OXT HXT  sing N N 178 
LEU N   CA   sing N N 179 
LEU N   H    sing N N 180 
LEU N   H2   sing N N 181 
LEU CA  C    sing N N 182 
LEU CA  CB   sing N N 183 
LEU CA  HA   sing N N 184 
LEU C   O    doub N N 185 
LEU C   OXT  sing N N 186 
LEU CB  CG   sing N N 187 
LEU CB  HB2  sing N N 188 
LEU CB  HB3  sing N N 189 
LEU CG  CD1  sing N N 190 
LEU CG  CD2  sing N N 191 
LEU CG  HG   sing N N 192 
LEU CD1 HD11 sing N N 193 
LEU CD1 HD12 sing N N 194 
LEU CD1 HD13 sing N N 195 
LEU CD2 HD21 sing N N 196 
LEU CD2 HD22 sing N N 197 
LEU CD2 HD23 sing N N 198 
LEU OXT HXT  sing N N 199 
LYS N   CA   sing N N 200 
LYS N   H    sing N N 201 
LYS N   H2   sing N N 202 
LYS CA  C    sing N N 203 
LYS CA  CB   sing N N 204 
LYS CA  HA   sing N N 205 
LYS C   O    doub N N 206 
LYS C   OXT  sing N N 207 
LYS CB  CG   sing N N 208 
LYS CB  HB2  sing N N 209 
LYS CB  HB3  sing N N 210 
LYS CG  CD   sing N N 211 
LYS CG  HG2  sing N N 212 
LYS CG  HG3  sing N N 213 
LYS CD  CE   sing N N 214 
LYS CD  HD2  sing N N 215 
LYS CD  HD3  sing N N 216 
LYS CE  NZ   sing N N 217 
LYS CE  HE2  sing N N 218 
LYS CE  HE3  sing N N 219 
LYS NZ  HZ1  sing N N 220 
LYS NZ  HZ2  sing N N 221 
LYS NZ  HZ3  sing N N 222 
LYS OXT HXT  sing N N 223 
MET N   CA   sing N N 224 
MET N   H    sing N N 225 
MET N   H2   sing N N 226 
MET CA  C    sing N N 227 
MET CA  CB   sing N N 228 
MET CA  HA   sing N N 229 
MET C   O    doub N N 230 
MET C   OXT  sing N N 231 
MET CB  CG   sing N N 232 
MET CB  HB2  sing N N 233 
MET CB  HB3  sing N N 234 
MET CG  SD   sing N N 235 
MET CG  HG2  sing N N 236 
MET CG  HG3  sing N N 237 
MET SD  CE   sing N N 238 
MET CE  HE1  sing N N 239 
MET CE  HE2  sing N N 240 
MET CE  HE3  sing N N 241 
MET OXT HXT  sing N N 242 
SER N   CA   sing N N 243 
SER N   H    sing N N 244 
SER N   H2   sing N N 245 
SER CA  C    sing N N 246 
SER CA  CB   sing N N 247 
SER CA  HA   sing N N 248 
SER C   O    doub N N 249 
SER C   OXT  sing N N 250 
SER CB  OG   sing N N 251 
SER CB  HB2  sing N N 252 
SER CB  HB3  sing N N 253 
SER OG  HG   sing N N 254 
SER OXT HXT  sing N N 255 
TYR N   CA   sing N N 256 
TYR N   H    sing N N 257 
TYR N   H2   sing N N 258 
TYR CA  C    sing N N 259 
TYR CA  CB   sing N N 260 
TYR CA  HA   sing N N 261 
TYR C   O    doub N N 262 
TYR C   OXT  sing N N 263 
TYR CB  CG   sing N N 264 
TYR CB  HB2  sing N N 265 
TYR CB  HB3  sing N N 266 
TYR CG  CD1  doub Y N 267 
TYR CG  CD2  sing Y N 268 
TYR CD1 CE1  sing Y N 269 
TYR CD1 HD1  sing N N 270 
TYR CD2 CE2  doub Y N 271 
TYR CD2 HD2  sing N N 272 
TYR CE1 CZ   doub Y N 273 
TYR CE1 HE1  sing N N 274 
TYR CE2 CZ   sing Y N 275 
TYR CE2 HE2  sing N N 276 
TYR CZ  OH   sing N N 277 
TYR OH  HH   sing N N 278 
TYR OXT HXT  sing N N 279 
VAL N   CA   sing N N 280 
VAL N   H    sing N N 281 
VAL N   H2   sing N N 282 
VAL CA  C    sing N N 283 
VAL CA  CB   sing N N 284 
VAL CA  HA   sing N N 285 
VAL C   O    doub N N 286 
VAL C   OXT  sing N N 287 
VAL CB  CG1  sing N N 288 
VAL CB  CG2  sing N N 289 
VAL CB  HB   sing N N 290 
VAL CG1 HG11 sing N N 291 
VAL CG1 HG12 sing N N 292 
VAL CG1 HG13 sing N N 293 
VAL CG2 HG21 sing N N 294 
VAL CG2 HG22 sing N N 295 
VAL CG2 HG23 sing N N 296 
VAL OXT HXT  sing N N 297 
# 
_atom_sites.entry_id                    2CCN 
_atom_sites.fract_transf_matrix[1][1]   -0.02684536 
_atom_sites.fract_transf_matrix[1][2]   -0.00878341 
_atom_sites.fract_transf_matrix[1][3]   -0.00083233 
_atom_sites.fract_transf_matrix[2][1]   -0.00394372 
_atom_sites.fract_transf_matrix[2][2]   0.01433118 
_atom_sites.fract_transf_matrix[2][3]   -0.02403640 
_atom_sites.fract_transf_matrix[3][1]   0.00267738 
_atom_sites.fract_transf_matrix[3][2]   -0.00770606 
_atom_sites.fract_transf_matrix[3][3]   -0.00503386 
_atom_sites.fract_transf_vector[1]      0.878532 
_atom_sites.fract_transf_vector[2]      0.465255 
_atom_sites.fract_transf_vector[3]      0.034073 
# 
loop_
_atom_type.symbol 
C 
N 
O 
S 
# 
loop_
_atom_site.group_PDB 
_atom_site.id 
_atom_site.type_symbol 
_atom_site.label_atom_id 
_atom_site.label_alt_id 
_atom_site.label_comp_id 
_atom_site.label_asym_id 
_atom_site.label_entity_id 
_atom_site.label_seq_id 
_atom_site.pdbx_PDB_ins_code 
_atom_site.Cartn_x 
_atom_site.Cartn_y 
_atom_site.Cartn_z 
_atom_site.occupancy 
_atom_site.B_iso_or_equiv 
_atom_site.pdbx_formal_charge 
_atom_site.auth_seq_id 
_atom_site.auth_comp_id 
_atom_site.auth_asym_id 
_atom_site.auth_atom_id 
_atom_site.pdbx_PDB_model_num 
ATOM   1   C C   . ARG A 1 2  ? 9.011   -16.246 -11.169 1.00 32.09 ? 1    ARG A C   1 
ATOM   2   O O   . ARG A 1 2  ? 8.352   -15.291 -10.703 1.00 33.50 ? 1    ARG A O   1 
ATOM   3   N N   . MET A 1 3  ? 8.428   -17.416 -11.272 1.00 30.14 ? 2    MET A N   1 
ATOM   4   C CA  . MET A 1 3  ? 7.244   -17.675 -10.544 1.00 29.62 ? 2    MET A CA  1 
ATOM   5   C C   . MET A 1 3  ? 7.243   -17.675 -8.963  1.00 28.74 ? 2    MET A C   1 
ATOM   6   O O   . MET A 1 3  ? 6.357   -17.196 -8.224  1.00 25.23 ? 2    MET A O   1 
ATOM   7   C CB  . MET A 1 3  ? 6.913   -19.020 -10.805 1.00 27.01 ? 2    MET A CB  1 
ATOM   8   C CG  . MET A 1 3  ? 5.494   -19.540 -10.378 1.00 35.79 ? 2    MET A CG  1 
ATOM   9   S SD  . MET A 1 3  ? 4.114   -18.949 -11.652 1.00 52.51 ? 2    MET A SD  1 
ATOM   10  C CE  . MET A 1 3  ? 4.785   -17.785 -12.984 1.00 23.62 ? 2    MET A CE  1 
ATOM   11  N N   . LYS A 1 4  ? 8.234   -18.367 -8.445  1.00 27.99 ? 3    LYS A N   1 
ATOM   12  C CA  . LYS A 1 4  ? 8.476   -18.100 -7.010  1.00 26.92 ? 3    LYS A CA  1 
ATOM   13  C C   . LYS A 1 4  ? 8.771   -16.620 -6.769  1.00 23.61 ? 3    LYS A C   1 
ATOM   14  O O   . LYS A 1 4  ? 8.424   -16.188 -5.648  1.00 21.17 ? 3    LYS A O   1 
ATOM   15  C CB  . LYS A 1 4  ? 9.547   -19.076 -6.355  1.00 27.07 ? 3    LYS A CB  1 
ATOM   16  C CG  . LYS A 1 4  ? 9.888   -18.951 -4.835  1.00 29.75 ? 3    LYS A CG  1 
ATOM   17  N N   . GLN A 1 5  ? 9.421   -15.835 -7.674  1.00 21.02 ? 4    GLN A N   1 
ATOM   18  C CA  . GLN A 1 5  ? 9.760   -14.436 -7.521  1.00 20.89 ? 4    GLN A CA  1 
ATOM   19  C C   . GLN A 1 5  ? 8.368   -13.703 -7.367  1.00 19.52 ? 4    GLN A C   1 
ATOM   20  O O   . GLN A 1 5  ? 8.204   -12.829 -6.547  1.00 18.82 ? 4    GLN A O   1 
ATOM   21  C CB  . GLN A 1 5  ? 10.588  -13.692 -8.618  1.00 27.19 ? 4    GLN A CB  1 
ATOM   22  C CG  . GLN A 1 5  ? 12.165  -13.685 -8.637  1.00 26.63 ? 4    GLN A CG  1 
ATOM   23  N N   . ILE A 1 6  ? 7.392   -14.166 -8.154  1.00 19.90 ? 5    ILE A N   1 
ATOM   24  C CA  . ILE A 1 6  ? 6.026   -13.597 -8.054  1.00 18.75 ? 5    ILE A CA  1 
ATOM   25  C C   . ILE A 1 6  ? 5.391   -13.870 -6.735  1.00 17.31 ? 5    ILE A C   1 
ATOM   26  O O   . ILE A 1 6  ? 4.778   -12.945 -6.079  1.00 19.36 ? 5    ILE A O   1 
ATOM   27  C CB  . ILE A 1 6  ? 5.123   -14.022 -9.213  1.00 18.88 ? 5    ILE A CB  1 
ATOM   28  C CG1 . ILE A 1 6  ? 5.658   -13.434 -10.462 1.00 21.60 ? 5    ILE A CG1 1 
ATOM   29  C CG2 . ILE A 1 6  ? 3.619   -13.650 -8.969  1.00 18.57 ? 5    ILE A CG2 1 
ATOM   30  C CD1 . ILE A 1 6  ? 4.913   -14.090 -11.708 1.00 28.54 ? 5    ILE A CD1 1 
ATOM   31  N N   . GLU A 1 7  ? 5.480   -15.123 -6.219  1.00 17.61 ? 6    GLU A N   1 
ATOM   32  C CA  . GLU A 1 7  ? 4.924   -15.467 -4.939  1.00 16.58 ? 6    GLU A CA  1 
ATOM   33  C C   . GLU A 1 7  ? 5.601   -14.561 -3.856  1.00 16.02 ? 6    GLU A C   1 
ATOM   34  O O   . GLU A 1 7  ? 4.853   -14.119 -2.933  1.00 16.79 ? 6    GLU A O   1 
ATOM   35  C CB  . GLU A 1 7  ? 5.239   -16.930 -4.653  1.00 19.06 ? 6    GLU A CB  1 
ATOM   36  C CG  . GLU A 1 7  ? 4.904   -17.403 -3.326  1.00 26.93 ? 6    GLU A CG  1 
ATOM   37  C CD  . GLU A 1 7  ? 4.788   -18.906 -3.114  1.00 30.34 ? 6    GLU A CD  1 
ATOM   38  O OE1 . GLU A 1 7  ? 5.202   -19.631 -4.082  1.00 33.08 ? 6    GLU A OE1 1 
ATOM   39  O OE2 . GLU A 1 7  ? 4.120   -19.219 -2.073  1.00 39.74 ? 6    GLU A OE2 1 
ATOM   40  N N   . ASP A 1 8  ? 6.932   -14.381 -3.940  1.00 17.07 ? 7    ASP A N   1 
ATOM   41  C CA  . ASP A 1 8  ? 7.613   -13.599 -2.913  1.00 16.71 ? 7    ASP A CA  1 
ATOM   42  C C   . ASP A 1 8  ? 7.201   -12.113 -3.001  1.00 17.62 ? 7    ASP A C   1 
ATOM   43  O O   . ASP A 1 8  ? 6.985   -11.476 -1.932  1.00 16.08 ? 7    ASP A O   1 
ATOM   44  C CB  . ASP A 1 8  ? 9.046   -13.709 -3.087  1.00 20.18 ? 7    ASP A CB  1 
ATOM   45  C CG  . ASP A 1 8  ? 9.650   -15.087 -2.691  1.00 20.06 ? 7    ASP A CG  1 
ATOM   46  O OD1 . ASP A 1 8  ? 9.030   -15.950 -2.070  1.00 25.63 ? 7    ASP A OD1 1 
ATOM   47  O OD2 . ASP A 1 8  ? 10.823  -15.252 -3.128  1.00 31.81 ? 7    ASP A OD2 1 
ATOM   48  N N   . LYS A 1 9  ? 6.910   -11.639 -4.193  1.00 16.21 ? 8    LYS A N   1 
ATOM   49  C CA  . LYS A 1 9  ? 6.464   -10.243 -4.427  1.00 17.51 ? 8    LYS A CA  1 
ATOM   50  C C   . LYS A 1 9  ? 5.148   -10.052 -3.838  1.00 15.71 ? 8    LYS A C   1 
ATOM   51  O O   . LYS A 1 9  ? 4.821   -9.038  -3.235  1.00 15.82 ? 8    LYS A O   1 
ATOM   52  C CB  . LYS A 1 9  ? 6.577   -9.838  -5.858  1.00 15.72 ? 8    LYS A CB  1 
ATOM   53  C CG  . LYS A 1 9  ? 6.259   -8.476  -6.248  1.00 18.91 ? 8    LYS A CG  1 
ATOM   54  C CD  . LYS A 1 9  ? 6.948   -7.434  -5.457  1.00 28.99 ? 8    LYS A CD  1 
ATOM   55  C CE  . LYS A 1 9  ? 8.402   -7.217  -5.869  1.00 33.20 ? 8    LYS A CE  1 
ATOM   56  N NZ  . LYS A 1 9  ? 8.972   -5.966  -5.337  1.00 35.39 ? 8    LYS A NZ  1 
ATOM   57  N N   . LEU A 1 10 ? 4.261   -11.003 -3.976  1.00 15.02 ? 9    LEU A N   1 
ATOM   58  C CA  . LEU A 1 10 ? 2.911   -10.946 -3.373  1.00 14.87 ? 9    LEU A CA  1 
ATOM   59  C C   . LEU A 1 10 ? 3.005   -10.895 -1.889  1.00 15.81 ? 9    LEU A C   1 
ATOM   60  O O   . LEU A 1 10 ? 2.249   -10.161 -1.229  1.00 15.46 ? 9    LEU A O   1 
ATOM   61  C CB  . LEU A 1 10 ? 1.966   -12.128 -3.877  1.00 13.71 ? 9    LEU A CB  1 
ATOM   62  C CG  . LEU A 1 10 ? 1.654   -11.991 -5.332  1.00 16.50 ? 9    LEU A CG  1 
ATOM   63  C CD1 . LEU A 1 10 ? 1.104   -13.346 -5.759  1.00 19.81 ? 9    LEU A CD1 1 
ATOM   64  C CD2 . LEU A 1 10 ? 0.698   -10.838 -5.620  1.00 17.66 ? 9    LEU A CD2 1 
ATOM   65  N N   . GLU A 1 11 ? 3.807   -11.706 -1.225  1.00 15.24 ? 10   GLU A N   1 
ATOM   66  C CA  . GLU A 1 11 ? 3.985   -11.605 0.229   1.00 13.50 ? 10   GLU A CA  1 
ATOM   67  C C   . GLU A 1 11 ? 4.454   -10.211 0.590   1.00 13.04 ? 10   GLU A C   1 
ATOM   68  O O   . GLU A 1 11 ? 3.929   -9.665  1.609   1.00 13.58 ? 10   GLU A O   1 
ATOM   69  C CB  . GLU A 1 11 ? 4.971   -12.703 0.715   1.00 16.74 ? 10   GLU A CB  1 
ATOM   70  C CG  . GLU A 1 11 ? 5.063   -12.710 2.259   1.00 18.38 ? 10   GLU A CG  1 
ATOM   71  C CD  . GLU A 1 11 ? 6.014   -11.722 2.872   1.00 21.95 ? 10   GLU A CD  1 
ATOM   72  O OE1 . GLU A 1 11 ? 6.927   -11.236 2.172   1.00 21.85 ? 10   GLU A OE1 1 
ATOM   73  O OE2 . GLU A 1 11 ? 5.769   -11.361 4.105   1.00 20.12 ? 10   GLU A OE2 1 
ATOM   74  N N   . GLU A 1 12 ? 5.375   -9.634  -0.148  1.00 12.54 ? 11   GLU A N   1 
ATOM   75  C CA  . GLU A 1 12 ? 5.972   -8.335  0.090   1.00 12.42 ? 11   GLU A CA  1 
ATOM   76  C C   . GLU A 1 12 ? 4.783   -7.261  -0.005  1.00 14.37 ? 11   GLU A C   1 
ATOM   77  O O   . GLU A 1 12 ? 4.581   -6.437  0.917   1.00 14.15 ? 11   GLU A O   1 
ATOM   78  C CB  . GLU A 1 12 ? 6.978   -8.004  -0.882  1.00 15.28 ? 11   GLU A CB  1 
ATOM   79  C CG  . GLU A 1 12 ? 7.594   -6.700  -0.670  1.00 21.72 ? 11   GLU A CG  1 
ATOM   80  C CD  . GLU A 1 12 ? 8.401   -6.236  -1.878  1.00 28.69 ? 11   GLU A CD  1 
ATOM   81  O OE1 . GLU A 1 12 ? 8.483   -5.001  -1.969  1.00 36.34 ? 11   GLU A OE1 1 
ATOM   82  O OE2 . GLU A 1 12 ? 8.824   -7.024  -2.761  1.00 30.52 ? 11   GLU A OE2 1 
ATOM   83  N N   . ILE A 1 13 ? 4.043   -7.340  -1.098  1.00 12.52 ? 12   ILE A N   1 
ATOM   84  C CA  . ILE A 1 13 ? 2.927   -6.432  -1.303  1.00 12.66 ? 12   ILE A CA  1 
ATOM   85  C C   . ILE A 1 13 ? 1.924   -6.552  -0.233  1.00 12.89 ? 12   ILE A C   1 
ATOM   86  O O   . ILE A 1 13 ? 1.339   -5.549  0.329   1.00 13.44 ? 12   ILE A O   1 
ATOM   87  C CB  . ILE A 1 13 ? 2.272   -6.679  -2.689  1.00 12.54 ? 12   ILE A CB  1 
ATOM   88  C CG1 . ILE A 1 13 ? 3.193   -6.197  -3.769  1.00 15.23 ? 12   ILE A CG1 1 
ATOM   89  C CG2 . ILE A 1 13 ? 0.877   -6.004  -2.799  1.00 12.96 ? 12   ILE A CG2 1 
ATOM   90  C CD1 . ILE A 1 13 ? 2.934   -6.733  -5.186  1.00 15.51 ? 12   ILE A CD1 1 
ATOM   91  N N   . LEU A 1 14 ? 1.542   -7.736  0.227   1.00 10.65 ? 13   LEU A N   1 
ATOM   92  C CA  . LEU A 1 14 ? 0.642   -7.945  1.319   1.00 10.96 ? 13   LEU A CA  1 
ATOM   93  C C   . LEU A 1 14 ? 1.143   -7.295  2.608   1.00 13.81 ? 13   LEU A C   1 
ATOM   94  O O   . LEU A 1 14 ? 0.374   -6.595  3.270   1.00 13.39 ? 13   LEU A O   1 
ATOM   95  C CB  . LEU A 1 14 ? 0.333   -9.487  1.626   1.00 13.75 ? 13   LEU A CB  1 
ATOM   96  C CG  . LEU A 1 14 ? -0.601  -10.136 0.624   1.00 14.72 ? 13   LEU A CG  1 
ATOM   97  C CD1 . LEU A 1 14 ? -0.486  -11.744 0.661   1.00 21.65 ? 13   LEU A CD1 1 
ATOM   98  C CD2 . LEU A 1 14 ? -1.992  -9.703  0.901   1.00 14.35 ? 13   LEU A CD2 1 
ATOM   99  N N   . SER A 1 15 ? 2.402   -7.453  2.895   1.00 13.83 ? 14   SER A N   1 
ATOM   100 C CA  . SER A 1 15 ? 2.950   -6.784  4.077   1.00 14.35 ? 14   SER A CA  1 
ATOM   101 C C   . SER A 1 15 ? 2.875   -5.284  4.080   1.00 15.96 ? 14   SER A C   1 
ATOM   102 O O   . SER A 1 15 ? 2.409   -4.656  5.075   1.00 15.14 ? 14   SER A O   1 
ATOM   103 C CB  . SER A 1 15 ? 4.427   -7.247  4.231   1.00 15.00 ? 14   SER A CB  1 
ATOM   104 O OG  . SER A 1 15 ? 5.359   -6.632  3.395   1.00 22.50 ? 14   SER A OG  1 
ATOM   105 N N   . LYS A 1 16 ? 3.106   -4.767  2.901   1.00 12.86 ? 15   LYS A N   1 
ATOM   106 C CA  . LYS A 1 16 ? 2.984   -3.285  2.713   1.00 12.07 ? 15   LYS A CA  1 
ATOM   107 C C   . LYS A 1 16 ? 1.534   -2.892  2.874   1.00 14.01 ? 15   LYS A C   1 
ATOM   108 O O   . LYS A 1 16 ? 1.206   -1.838  3.424   1.00 13.38 ? 15   LYS A O   1 
ATOM   109 C CB  . LYS A 1 16 ? 3.493   -2.958  1.345   1.00 15.29 ? 15   LYS A CB  1 
ATOM   110 C CG  . LYS A 1 16 ? 4.983   -2.992  1.116   1.00 16.20 ? 15   LYS A CG  1 
ATOM   111 C CD  . LYS A 1 16 ? 5.512   -2.694  -0.302  1.00 19.02 ? 15   LYS A CD  1 
ATOM   112 C CE  . LYS A 1 16 ? 7.052   -2.795  -0.556  1.00 28.64 ? 15   LYS A CE  1 
ATOM   113 N NZ  . LYS A 1 16 ? 7.738   -2.517  -1.899  1.00 40.85 ? 15   LYS A NZ  1 
ATOM   114 N N   . LEU A 1 17 ? 0.566   -3.633  2.350   1.00 11.38 ? 16   LEU A N   1 
ATOM   115 C CA  . LEU A 1 17 ? -0.825  -3.283  2.434   1.00 12.21 ? 16   LEU A CA  1 
ATOM   116 C C   . LEU A 1 17 ? -1.284  -3.337  3.891   1.00 13.51 ? 16   LEU A C   1 
ATOM   117 O O   . LEU A 1 17 ? -2.073  -2.568  4.357   1.00 12.70 ? 16   LEU A O   1 
ATOM   118 C CB  . LEU A 1 17 ? -1.730  -4.175  1.534   1.00 12.90 ? 16   LEU A CB  1 
ATOM   119 C CG  . LEU A 1 17 ? -1.645  -3.937  0.109   1.00 12.22 ? 16   LEU A CG  1 
ATOM   120 C CD1 . LEU A 1 17 ? -2.223  -5.034  -0.727  1.00 14.88 ? 16   LEU A CD1 1 
ATOM   121 C CD2 . LEU A 1 17 ? -2.317  -2.575  -0.239  1.00 13.40 ? 16   LEU A CD2 1 
ATOM   122 N N   . TYR A 1 18 ? -0.802  -4.352  4.631   1.00 13.99 ? 17   TYR A N   1 
ATOM   123 C CA  . TYR A 1 18 ? -1.154  -4.374  6.100   1.00 13.50 ? 17   TYR A CA  1 
ATOM   124 C C   . TYR A 1 18 ? -0.651  -3.197  6.880   1.00 12.86 ? 17   TYR A C   1 
ATOM   125 O O   . TYR A 1 18 ? -1.489  -2.682  7.677   1.00 14.48 ? 17   TYR A O   1 
ATOM   126 C CB  . TYR A 1 18 ? -0.608  -5.647  6.723   1.00 17.03 ? 17   TYR A CB  1 
ATOM   127 C CG  . TYR A 1 18 ? -0.924  -6.903  6.164   1.00 19.70 ? 17   TYR A CG  1 
ATOM   128 C CD1 . TYR A 1 18 ? 0.014   -7.948  6.343   1.00 24.98 ? 17   TYR A CD1 1 
ATOM   129 C CD2 . TYR A 1 18 ? -2.045  -7.156  5.581   1.00 20.22 ? 17   TYR A CD2 1 
ATOM   130 C CE1 . TYR A 1 18 ? -0.260  -9.192  5.828   1.00 25.24 ? 17   TYR A CE1 1 
ATOM   131 C CE2 . TYR A 1 18 ? -2.306  -8.425  5.024   1.00 22.08 ? 17   TYR A CE2 1 
ATOM   132 C CZ  . TYR A 1 18 ? -1.370  -9.409  5.212   1.00 24.38 ? 17   TYR A CZ  1 
ATOM   133 O OH  . TYR A 1 18 ? -1.671  -10.680 4.693   1.00 35.43 ? 17   TYR A OH  1 
ATOM   134 N N   . HIS A 1 19 ? 0.540   -2.686  6.558   1.00 14.40 ? 18   HIS A N   1 
ATOM   135 C CA  . HIS A 1 19 ? 1.048   -1.422  7.109   1.00 13.45 ? 18   HIS A CA  1 
ATOM   136 C C   . HIS A 1 19 ? 0.082   -0.279  6.745   1.00 14.61 ? 18   HIS A C   1 
ATOM   137 O O   . HIS A 1 19 ? -0.294  0.470   7.638   1.00 12.99 ? 18   HIS A O   1 
ATOM   138 C CB  . HIS A 1 19 ? 2.493   -1.030  6.713   1.00 14.76 ? 18   HIS A CB  1 
ATOM   139 C CG  . HIS A 1 19 ? 3.488   -1.998  7.260   1.00 19.57 ? 18   HIS A CG  1 
ATOM   140 N ND1 . HIS A 1 19 ? 3.723   -2.122  8.621   1.00 26.39 ? 18   HIS A ND1 1 
ATOM   141 C CD2 . HIS A 1 19 ? 4.255   -2.965  6.643   1.00 27.74 ? 18   HIS A CD2 1 
ATOM   142 C CE1 . HIS A 1 19 ? 4.427   -3.297  8.810   1.00 24.39 ? 18   HIS A CE1 1 
ATOM   143 N NE2 . HIS A 1 19 ? 4.896   -3.664  7.615   1.00 26.69 ? 18   HIS A NE2 1 
ATOM   144 N N   . ILE A 1 20 ? -0.351  -0.219  5.525   1.00 12.56 ? 19   ILE A N   1 
ATOM   145 C CA  . ILE A 1 20 ? -1.276  0.845   5.080   1.00 10.77 ? 19   ILE A CA  1 
ATOM   146 C C   . ILE A 1 20 ? -2.556  0.752   5.801   1.00 10.56 ? 19   ILE A C   1 
ATOM   147 O O   . ILE A 1 20 ? -3.133  1.764   6.236   1.00 12.08 ? 19   ILE A O   1 
ATOM   148 C CB  . ILE A 1 20 ? -1.462  0.828   3.497   1.00 10.39 ? 19   ILE A CB  1 
ATOM   149 C CG1 . ILE A 1 20 ? -0.158  1.322   2.859   1.00 12.51 ? 19   ILE A CG1 1 
ATOM   150 C CG2 . ILE A 1 20 ? -2.636  1.611   3.092   1.00 11.85 ? 19   ILE A CG2 1 
ATOM   151 C CD1 . ILE A 1 20 ? 0.001   0.915   1.465   1.00 14.06 ? 19   ILE A CD1 1 
ATOM   152 N N   . CYS A 1 21 ? -3.126  -0.429  5.942   1.00 10.41 ? 20   CYS A N   1 
ATOM   153 C CA  . CYS A 1 21 ? -4.408  -0.624  6.694   1.00 10.26 ? 20   CYS A CA  1 
ATOM   154 C C   . CYS A 1 21 ? -4.228  -0.121  8.135   1.00 11.94 ? 20   CYS A C   1 
ATOM   155 O O   . CYS A 1 21 ? -5.109  0.563   8.642   1.00 12.82 ? 20   CYS A O   1 
ATOM   156 C CB  . CYS A 1 21 ? -4.782  -2.069  6.717   1.00 11.22 ? 20   CYS A CB  1 
ATOM   157 S SG  . CYS A 1 21 ? -5.424  -2.624  5.099   1.00 15.09 ? 20   CYS A SG  1 
ATOM   158 N N   . ASN A 1 22 ? -3.099  -0.436  8.770   1.00 11.20 ? 21   ASN A N   1 
ATOM   159 C CA  . ASN A 1 22 ? -2.866  -0.031  10.142  1.00 11.93 ? 21   ASN A CA  1 
ATOM   160 C C   . ASN A 1 22 ? -2.802  1.470   10.222  1.00 13.27 ? 21   ASN A C   1 
ATOM   161 O O   . ASN A 1 22 ? -3.366  2.070   11.162  1.00 15.40 ? 21   ASN A O   1 
ATOM   162 C CB  . ASN A 1 22 ? -1.612  -0.698  10.667  1.00 15.47 ? 21   ASN A CB  1 
ATOM   163 C CG  . ASN A 1 22 ? -1.835  -2.202  10.986  1.00 18.97 ? 21   ASN A CG  1 
ATOM   164 O OD1 . ASN A 1 22 ? -2.942  -2.636  11.296  1.00 25.14 ? 21   ASN A OD1 1 
ATOM   165 N ND2 . ASN A 1 22 ? -0.756  -2.986  10.934  1.00 23.67 ? 21   ASN A ND2 1 
ATOM   166 N N   . GLU A 1 23 ? -2.142  2.065   9.260   1.00 13.05 ? 22   GLU A N   1 
ATOM   167 C CA  . GLU A 1 23 ? -2.018  3.517   9.283   1.00 14.31 ? 22   GLU A CA  1 
ATOM   168 C C   . GLU A 1 23 ? -3.337  4.189   9.018   1.00 13.44 ? 22   GLU A C   1 
ATOM   169 O O   . GLU A 1 23 ? -3.635  5.221   9.541   1.00 14.26 ? 22   GLU A O   1 
ATOM   170 C CB  . GLU A 1 23 ? -0.970  3.983   8.306   1.00 15.70 ? 22   GLU A CB  1 
ATOM   171 C CG  . GLU A 1 23 ? -0.568  5.405   8.564   1.00 17.36 ? 22   GLU A CG  1 
ATOM   172 C CD  . GLU A 1 23 ? 0.179   5.628   9.904   1.00 22.55 ? 22   GLU A CD  1 
ATOM   173 O OE1 . GLU A 1 23 ? 0.229   6.814   10.295  1.00 27.61 ? 22   GLU A OE1 1 
ATOM   174 O OE2 . GLU A 1 23 ? 0.564   4.748   10.632  1.00 21.13 ? 22   GLU A OE2 1 
ATOM   175 N N   . LEU A 1 24 ? -4.184  3.706   8.095   1.00 12.38 ? 23   LEU A N   1 
ATOM   176 C CA  . LEU A 1 24 ? -5.522  4.295   7.832   1.00 12.18 ? 23   LEU A CA  1 
ATOM   177 C C   . LEU A 1 24 ? -6.406  4.210   9.054   1.00 14.07 ? 23   LEU A C   1 
ATOM   178 O O   . LEU A 1 24 ? -7.267  5.070   9.314   1.00 15.78 ? 23   LEU A O   1 
ATOM   179 C CB  . LEU A 1 24 ? -6.124  3.606   6.628   1.00 13.07 ? 23   LEU A CB  1 
ATOM   180 C CG  . LEU A 1 24 ? -5.536  3.999   5.310   1.00 11.86 ? 23   LEU A CG  1 
ATOM   181 C CD1 . LEU A 1 24 ? -6.045  3.122   4.182   1.00 14.28 ? 23   LEU A CD1 1 
ATOM   182 C CD2 . LEU A 1 24 ? -5.779  5.485   4.874   1.00 12.74 ? 23   LEU A CD2 1 
ATOM   183 N N   . ALA A 1 25 ? -6.268  3.089   9.755   1.00 13.22 ? 24   ALA A N   1 
ATOM   184 C CA  . ALA A 1 25 ? -7.013  2.931   11.023  1.00 12.88 ? 24   ALA A CA  1 
ATOM   185 C C   . ALA A 1 25 ? -6.526  3.909   11.970  1.00 13.74 ? 24   ALA A C   1 
ATOM   186 O O   . ALA A 1 25 ? -7.445  4.465   12.730  1.00 16.05 ? 24   ALA A O   1 
ATOM   187 C CB  . ALA A 1 25 ? -6.913  1.462   11.586  1.00 16.08 ? 24   ALA A CB  1 
ATOM   188 N N   . ARG A 1 26 ? -5.263  4.151   12.098  1.00 13.18 ? 25   ARG A N   1 
ATOM   189 C CA  . ARG A 1 26 ? -4.756  5.246   12.985  1.00 16.29 ? 25   ARG A CA  1 
ATOM   190 C C   . ARG A 1 26 ? -5.295  6.623   12.614  1.00 16.59 ? 25   ARG A C   1 
ATOM   191 O O   . ARG A 1 26 ? -5.803  7.378   13.428  1.00 16.97 ? 25   ARG A O   1 
ATOM   192 C CB  . ARG A 1 26 ? -3.291  5.329   12.950  1.00 16.88 ? 25   ARG A CB  1 
ATOM   193 C CG  . ARG A 1 26 ? -2.692  6.614   13.576  1.00 20.66 ? 25   ARG A CG  1 
ATOM   194 C CD  . ARG A 1 26 ? -1.199  6.621   13.511  1.00 19.54 ? 25   ARG A CD  1 
ATOM   195 N NE  . ARG A 1 26 ? -0.656  7.835   14.122  1.00 17.38 ? 25   ARG A NE  1 
ATOM   196 C CZ  . ARG A 1 26 ? -0.084  8.787   13.447  1.00 21.90 ? 25   ARG A CZ  1 
ATOM   197 N NH1 . ARG A 1 26 ? 0.050   8.771   12.116  1.00 27.47 ? 25   ARG A NH1 1 
ATOM   198 N NH2 . ARG A 1 26 ? 0.367   9.866   14.150  1.00 23.64 ? 25   ARG A NH2 1 
ATOM   199 N N   . ILE A 1 27 ? -5.361  6.894   11.350  1.00 13.37 ? 26   ILE A N   1 
ATOM   200 C CA  . ILE A 1 27 ? -5.882  8.143   10.804  1.00 13.31 ? 26   ILE A CA  1 
ATOM   201 C C   . ILE A 1 27 ? -7.368  8.219   11.190  1.00 13.54 ? 26   ILE A C   1 
ATOM   202 O O   . ILE A 1 27 ? -7.842  9.290   11.693  1.00 15.57 ? 26   ILE A O   1 
ATOM   203 C CB  . ILE A 1 27 ? -5.630  8.313   9.290   1.00 14.67 ? 26   ILE A CB  1 
ATOM   204 C CG1 . ILE A 1 27 ? -4.211  8.636   9.009   1.00 16.47 ? 26   ILE A CG1 1 
ATOM   205 C CG2 . ILE A 1 27 ? -6.585  9.430   8.750   1.00 17.22 ? 26   ILE A CG2 1 
ATOM   206 C CD1 . ILE A 1 27 ? -3.835  8.472   7.548   1.00 17.76 ? 26   ILE A CD1 1 
ATOM   207 N N   . LYS A 1 28 ? -8.148  7.203   10.970  1.00 16.37 ? 27   LYS A N   1 
ATOM   208 C CA  . LYS A 1 28 ? -9.592  7.194   11.336  1.00 16.55 ? 27   LYS A CA  1 
ATOM   209 C C   . LYS A 1 28 ? -9.784  7.422   12.825  1.00 19.41 ? 27   LYS A C   1 
ATOM   210 O O   . LYS A 1 28 ? -10.695 8.253   13.190  1.00 18.71 ? 27   LYS A O   1 
ATOM   211 C CB  . LYS A 1 28 ? -10.271 5.912   10.826  1.00 17.83 ? 27   LYS A CB  1 
ATOM   212 C CG  . LYS A 1 28 ? -11.734 5.832   11.059  1.00 19.52 ? 27   LYS A CG  1 
ATOM   213 C CD  . LYS A 1 28 ? -12.289 4.470   10.458  1.00 23.39 ? 27   LYS A CD  1 
ATOM   214 C CE  . LYS A 1 28 ? -11.831 3.251   11.071  1.00 28.20 ? 27   LYS A CE  1 
ATOM   215 N NZ  . LYS A 1 28 ? -12.532 3.151   12.374  1.00 32.64 ? 27   LYS A NZ  1 
ATOM   216 N N   . LYS A 1 29 ? -8.922  6.861   13.645  1.00 17.08 ? 28   LYS A N   1 
ATOM   217 C CA  . LYS A 1 29 ? -8.938  7.132   15.120  1.00 19.66 ? 28   LYS A CA  1 
ATOM   218 C C   . LYS A 1 29 ? -8.723  8.584   15.443  1.00 21.00 ? 28   LYS A C   1 
ATOM   219 O O   . LYS A 1 29 ? -9.484  9.189   16.220  1.00 21.61 ? 28   LYS A O   1 
ATOM   220 C CB  . LYS A 1 29 ? -7.955  6.213   15.808  1.00 20.58 ? 28   LYS A CB  1 
ATOM   221 C CG  . LYS A 1 29 ? -7.929  6.410   17.428  1.00 21.73 ? 28   LYS A CG  1 
ATOM   222 C CD  . LYS A 1 29 ? -7.068  5.447   17.931  1.00 27.43 ? 28   LYS A CD  1 
ATOM   223 N N   . LEU A 1 30 ? -7.652  9.132   14.936  1.00 18.54 ? 29   LEU A N   1 
ATOM   224 C CA  . LEU A 1 30 ? -7.195  10.507  15.153  1.00 18.27 ? 29   LEU A CA  1 
ATOM   225 C C   . LEU A 1 30 ? -8.335  11.401  14.735  1.00 20.03 ? 29   LEU A C   1 
ATOM   226 O O   . LEU A 1 30 ? -8.649  12.417  15.476  1.00 22.07 ? 29   LEU A O   1 
ATOM   227 C CB  . LEU A 1 30 ? -5.901  10.807  14.447  1.00 18.41 ? 29   LEU A CB  1 
ATOM   228 C CG  . LEU A 1 30 ? -4.587  10.143  14.915  1.00 21.39 ? 29   LEU A CG  1 
ATOM   229 C CD1 . LEU A 1 30 ? -3.477  10.587  14.099  1.00 20.15 ? 29   LEU A CD1 1 
ATOM   230 C CD2 . LEU A 1 30 ? -4.242  10.512  16.414  1.00 27.75 ? 29   LEU A CD2 1 
ATOM   231 N N   . LEU A 1 31 ? -8.948  11.199  13.569  1.00 20.41 ? 30   LEU A N   1 
ATOM   232 C CA  . LEU A 1 31 ? -10.039 12.117  13.103  1.00 19.72 ? 30   LEU A CA  1 
ATOM   233 C C   . LEU A 1 31 ? -11.205 11.999  14.053  1.00 23.71 ? 30   LEU A C   1 
ATOM   234 O O   . LEU A 1 31 ? -11.877 13.011  14.313  1.00 24.34 ? 30   LEU A O   1 
ATOM   235 C CB  . LEU A 1 31 ? -10.461 11.779  11.689  1.00 21.35 ? 30   LEU A CB  1 
ATOM   236 C CG  . LEU A 1 31 ? -9.427  12.115  10.703  1.00 20.16 ? 30   LEU A CG  1 
ATOM   237 C CD1 . LEU A 1 31 ? -9.984  11.638  9.314   1.00 23.20 ? 30   LEU A CD1 1 
ATOM   238 C CD2 . LEU A 1 31 ? -8.977  13.640  10.611  1.00 21.13 ? 30   LEU A CD2 1 
ATOM   239 N N   . GLY A 1 32 ? -11.450 10.804  14.538  1.00 24.60 ? 31   GLY A N   1 
ATOM   240 C CA  . GLY A 1 32 ? -12.553 10.528  15.430  1.00 29.19 ? 31   GLY A CA  1 
ATOM   241 C C   . GLY A 1 32 ? -12.402 11.250  16.777  1.00 30.06 ? 31   GLY A C   1 
ATOM   242 O O   . GLY A 1 32 ? -13.448 11.331  17.507  1.00 32.18 ? 31   GLY A O   1 
ATOM   243 N N   . GLU A 1 33 ? -11.166 11.606  17.159  1.00 32.82 ? 32   GLU A N   1 
ATOM   244 C CA  . GLU A 1 33 ? -10.768 12.124  18.494  1.00 36.06 ? 32   GLU A CA  1 
ATOM   245 C C   . GLU A 1 33 ? -10.908 13.570  18.492  1.00 40.45 ? 32   GLU A C   1 
ATOM   246 O O   . GLU A 1 33 ? -10.609 14.239  19.482  1.00 43.00 ? 32   GLU A O   1 
ATOM   247 C CB  . GLU A 1 33 ? -9.262  11.793  18.798  1.00 36.40 ? 32   GLU A CB  1 
ATOM   248 C CG  . GLU A 1 33 ? -9.112  10.362  19.269  1.00 33.19 ? 32   GLU A CG  1 
ATOM   249 C CD  . GLU A 1 33 ? -7.663  9.857   19.518  1.00 36.00 ? 32   GLU A CD  1 
ATOM   250 O OE1 . GLU A 1 33 ? -6.584  10.604  19.313  1.00 42.58 ? 32   GLU A OE1 1 
ATOM   251 O OE2 . GLU A 1 33 ? -7.632  8.677   19.967  1.00 45.87 ? 32   GLU A OE2 1 
ATOM   252 N N   . ARG A 1 34 ? -11.118 14.055  17.298  1.00 41.83 ? 33   ARG A N   1 
ATOM   253 C CA  . ARG A 1 34 ? -11.693 15.295  16.954  1.00 44.22 ? 33   ARG A CA  1 
ATOM   254 C C   . ARG A 1 34 ? -10.899 16.275  16.098  1.00 46.62 ? 33   ARG A C   1 
ATOM   255 O O   . ARG A 1 34 ? -10.006 16.016  15.204  1.00 46.36 ? 33   ARG A O   1 
ATOM   256 C CB  . ARG A 1 34 ? -12.383 15.945  18.189  1.00 42.57 ? 33   ARG A CB  1 
ATOM   257 C CG  . ARG A 1 34 ? -13.705 15.420  18.296  1.00 37.95 ? 33   ARG A CG  1 
ATOM   258 C CD  . ARG A 1 34 ? -14.439 15.258  16.853  1.00 24.89 ? 33   ARG A CD  1 
ATOM   259 N NE  . ARG A 1 34 ? -14.822 13.913  16.585  1.00 33.60 ? 33   ARG A NE  1 
ATOM   260 O OXT . ARG A 1 34 ? -11.447 17.347  16.417  1.00 52.59 ? 33   ARG A OXT 1 
ATOM   261 N N   . ARG B 1 2  ? -1.888  19.435  13.530  1.00 36.87 ? 1    ARG B N   1 
ATOM   262 C CA  . ARG B 1 2  ? -2.202  17.959  13.556  1.00 34.47 ? 1    ARG B CA  1 
ATOM   263 C C   . ARG B 1 2  ? -2.893  17.487  12.226  1.00 30.40 ? 1    ARG B C   1 
ATOM   264 O O   . ARG B 1 2  ? -2.625  16.415  11.686  1.00 27.03 ? 1    ARG B O   1 
ATOM   265 C CB  . ARG B 1 2  ? -2.960  17.554  14.779  1.00 38.17 ? 1    ARG B CB  1 
ATOM   266 C CG  . ARG B 1 2  ? -2.276  16.445  15.415  1.00 43.42 ? 1    ARG B CG  1 
ATOM   267 C CD  . ARG B 1 2  ? -3.074  15.133  15.478  1.00 48.88 ? 1    ARG B CD  1 
ATOM   268 N NE  . ARG B 1 2  ? -2.355  14.276  16.419  1.00 51.47 ? 1    ARG B NE  1 
ATOM   269 C CZ  . ARG B 1 2  ? -2.894  13.771  17.537  1.00 47.27 ? 1    ARG B CZ  1 
ATOM   270 N NH1 . ARG B 1 2  ? -2.137  13.034  18.381  1.00 40.27 ? 1    ARG B NH1 1 
ATOM   271 N NH2 . ARG B 1 2  ? -4.215  13.956  17.760  1.00 44.04 ? 1    ARG B NH2 1 
ATOM   272 N N   . MET B 1 3  ? -3.728  18.338  11.643  1.00 28.37 ? 2    MET B N   1 
ATOM   273 C CA  . MET B 1 3  ? -4.483  17.893  10.477  1.00 23.88 ? 2    MET B CA  1 
ATOM   274 C C   . MET B 1 3  ? -3.391  17.824  9.363   1.00 23.11 ? 2    MET B C   1 
ATOM   275 O O   . MET B 1 3  ? -3.486  16.982  8.467   1.00 20.44 ? 2    MET B O   1 
ATOM   276 C CB  . MET B 1 3  ? -5.547  18.882  10.032  1.00 25.32 ? 2    MET B CB  1 
ATOM   277 C CG  . MET B 1 3  ? -6.379  18.357  8.830   1.00 28.96 ? 2    MET B CG  1 
ATOM   278 S SD  . MET B 1 3  ? -7.270  16.873  9.333   1.00 28.82 ? 2    MET B SD  1 
ATOM   279 C CE  . MET B 1 3  ? -8.289  17.439  10.408  1.00 29.25 ? 2    MET B CE  1 
ATOM   280 N N   . LYS B 1 4  ? -2.398  18.730  9.342   1.00 22.45 ? 3    LYS B N   1 
ATOM   281 C CA  . LYS B 1 4  ? -1.331  18.692  8.321   1.00 23.03 ? 3    LYS B CA  1 
ATOM   282 C C   . LYS B 1 4  ? -0.575  17.343  8.426   1.00 22.61 ? 3    LYS B C   1 
ATOM   283 O O   . LYS B 1 4  ? -0.235  16.723  7.339   1.00 20.14 ? 3    LYS B O   1 
ATOM   284 C CB  . LYS B 1 4  ? -0.377  19.916  8.339   1.00 27.31 ? 3    LYS B CB  1 
ATOM   285 C CG  . LYS B 1 4  ? 0.752   19.838  7.233   1.00 29.28 ? 3    LYS B CG  1 
ATOM   286 C CD  . LYS B 1 4  ? 2.020   20.808  7.216   1.00 33.27 ? 3    LYS B CD  1 
ATOM   287 C CE  . LYS B 1 4  ? 3.198   20.165  6.264   1.00 31.75 ? 3    LYS B CE  1 
ATOM   288 N N   . GLN B 1 5  ? -0.382  16.783  9.595   1.00 19.63 ? 4    GLN B N   1 
ATOM   289 C CA  . GLN B 1 5  ? 0.288   15.501  9.711   1.00 20.30 ? 4    GLN B CA  1 
ATOM   290 C C   . GLN B 1 5  ? -0.553  14.415  9.031   1.00 19.59 ? 4    GLN B C   1 
ATOM   291 O O   . GLN B 1 5  ? 0.108   13.560  8.354   1.00 18.31 ? 4    GLN B O   1 
ATOM   292 C CB  . GLN B 1 5  ? 0.565   15.175  11.141  1.00 23.76 ? 4    GLN B CB  1 
ATOM   293 N N   . ILE B 1 6  ? -1.883  14.429  9.182   1.00 15.99 ? 5    ILE B N   1 
ATOM   294 C CA  . ILE B 1 6  ? -2.776  13.446  8.545   1.00 16.80 ? 5    ILE B CA  1 
ATOM   295 C C   . ILE B 1 6  ? -2.674  13.620  7.069   1.00 15.98 ? 5    ILE B C   1 
ATOM   296 O O   . ILE B 1 6  ? -2.591  12.646  6.333   1.00 14.98 ? 5    ILE B O   1 
ATOM   297 C CB  . ILE B 1 6  ? -4.242  13.554  9.121   1.00 19.74 ? 5    ILE B CB  1 
ATOM   298 C CG1 . ILE B 1 6  ? -4.149  13.048  10.577  1.00 23.96 ? 5    ILE B CG1 1 
ATOM   299 C CG2 . ILE B 1 6  ? -5.242  12.831  8.296   1.00 16.38 ? 5    ILE B CG2 1 
ATOM   300 C CD1 . ILE B 1 6  ? -5.433  13.240  11.312  1.00 22.36 ? 5    ILE B CD1 1 
ATOM   301 N N   . GLU B 1 7  ? -2.851  14.831  6.566   1.00 16.38 ? 6    GLU B N   1 
ATOM   302 C CA  . GLU B 1 7  ? -2.688  15.066  5.136   1.00 14.53 ? 6    GLU B CA  1 
ATOM   303 C C   . GLU B 1 7  ? -1.376  14.565  4.512   1.00 15.09 ? 6    GLU B C   1 
ATOM   304 O O   . GLU B 1 7  ? -1.364  13.832  3.471   1.00 15.58 ? 6    GLU B O   1 
ATOM   305 C CB  . GLU B 1 7  ? -2.875  16.599  4.834   1.00 15.19 ? 6    GLU B CB  1 
ATOM   306 C CG  . GLU B 1 7  ? -4.221  17.149  5.168   1.00 16.69 ? 6    GLU B CG  1 
ATOM   307 C CD  . GLU B 1 7  ? -4.177  18.720  5.122   1.00 24.12 ? 6    GLU B CD  1 
ATOM   308 O OE1 . GLU B 1 7  ? -3.730  19.212  4.137   1.00 27.93 ? 6    GLU B OE1 1 
ATOM   309 O OE2 . GLU B 1 7  ? -4.510  19.315  6.120   1.00 33.30 ? 6    GLU B OE2 1 
ATOM   310 N N   . ASP B 1 8  ? -0.252  14.837  5.238   1.00 14.73 ? 7    ASP B N   1 
ATOM   311 C CA  . ASP B 1 8  ? 1.012   14.370  4.800   1.00 15.01 ? 7    ASP B CA  1 
ATOM   312 C C   . ASP B 1 8  ? 1.090   12.812  4.804   1.00 15.94 ? 7    ASP B C   1 
ATOM   313 O O   . ASP B 1 8  ? 1.631   12.219  3.877   1.00 16.22 ? 7    ASP B O   1 
ATOM   314 C CB  . ASP B 1 8  ? 2.175   14.940  5.617   1.00 16.30 ? 7    ASP B CB  1 
ATOM   315 C CG  . ASP B 1 8  ? 2.389   16.435  5.348   1.00 20.70 ? 7    ASP B CG  1 
ATOM   316 O OD1 . ASP B 1 8  ? 1.777   16.979  4.413   1.00 27.51 ? 7    ASP B OD1 1 
ATOM   317 O OD2 . ASP B 1 8  ? 3.083   16.983  6.281   1.00 30.83 ? 7    ASP B OD2 1 
ATOM   318 N N   . LYS B 1 9  ? 0.501   12.187  5.787   1.00 14.34 ? 8    LYS B N   1 
ATOM   319 C CA  . LYS B 1 9  ? 0.465   10.702  5.829   1.00 15.15 ? 8    LYS B CA  1 
ATOM   320 C C   . LYS B 1 9  ? -0.393  10.165  4.682   1.00 12.84 ? 8    LYS B C   1 
ATOM   321 O O   . LYS B 1 9  ? -0.053  9.153   4.086   1.00 13.18 ? 8    LYS B O   1 
ATOM   322 C CB  . LYS B 1 9  ? -0.008  10.158  7.137   1.00 13.95 ? 8    LYS B CB  1 
ATOM   323 C CG  . LYS B 1 9  ? 0.103   8.625   7.326   1.00 16.88 ? 8    LYS B CG  1 
ATOM   324 C CD  . LYS B 1 9  ? 1.422   8.035   7.081   1.00 21.51 ? 8    LYS B CD  1 
ATOM   325 C CE  . LYS B 1 9  ? 2.338   8.398   8.136   1.00 20.00 ? 8    LYS B CE  1 
ATOM   326 N NZ  . LYS B 1 9  ? 3.724   7.648   8.032   1.00 22.76 ? 8    LYS B NZ  1 
ATOM   327 N N   . LEU B 1 10 ? -1.508  10.814  4.351   1.00 13.44 ? 9    LEU B N   1 
ATOM   328 C CA  . LEU B 1 10 ? -2.312  10.356  3.184   1.00 11.77 ? 9    LEU B CA  1 
ATOM   329 C C   . LEU B 1 10 ? -1.530  10.440  1.959   1.00 13.20 ? 9    LEU B C   1 
ATOM   330 O O   . LEU B 1 10 ? -1.610  9.631   1.058   1.00 11.42 ? 9    LEU B O   1 
ATOM   331 C CB  . LEU B 1 10 ? -3.636  11.139  3.075   1.00 13.10 ? 9    LEU B CB  1 
ATOM   332 C CG  . LEU B 1 10 ? -4.606  10.821  4.228   1.00 13.71 ? 9    LEU B CG  1 
ATOM   333 C CD1 . LEU B 1 10 ? -5.769  11.810  4.175   1.00 15.94 ? 9    LEU B CD1 1 
ATOM   334 C CD2 . LEU B 1 10 ? -5.245  9.487   4.065   1.00 16.72 ? 9    LEU B CD2 1 
ATOM   335 N N   . GLU B 1 11 ? -0.767  11.546  1.789   1.00 11.47 ? 10   GLU B N   1 
ATOM   336 C CA  . GLU B 1 11 ? 0.159   11.691  0.627   1.00 12.91 ? 10   GLU B CA  1 
ATOM   337 C C   . GLU B 1 11 ? 1.144   10.555  0.602   1.00 12.85 ? 10   GLU B C   1 
ATOM   338 O O   . GLU B 1 11 ? 1.348   9.980   -0.573  1.00 13.69 ? 10   GLU B O   1 
ATOM   339 C CB  . GLU B 1 11 ? 0.922   13.046  0.642   1.00 13.32 ? 10   GLU B CB  1 
ATOM   340 C CG  . GLU B 1 11 ? 1.919   13.241  -0.476  1.00 18.30 ? 10   GLU B CG  1 
ATOM   341 C CD  . GLU B 1 11 ? 2.794   14.470  -0.227  1.00 24.14 ? 10   GLU B CD  1 
ATOM   342 O OE1 . GLU B 1 11 ? 2.248   15.470  -0.623  1.00 24.95 ? 10   GLU B OE1 1 
ATOM   343 O OE2 . GLU B 1 11 ? 3.905   14.337  0.355   1.00 26.78 ? 10   GLU B OE2 1 
ATOM   344 N N   . GLU B 1 12 ? 1.745   10.128  1.709   1.00 11.74 ? 11   GLU B N   1 
ATOM   345 C CA  . GLU B 1 12 ? 2.696   9.090   1.753   1.00 11.83 ? 11   GLU B CA  1 
ATOM   346 C C   . GLU B 1 12 ? 1.999   7.734   1.404   1.00 12.07 ? 11   GLU B C   1 
ATOM   347 O O   . GLU B 1 12 ? 2.592   6.888   0.633   1.00 12.99 ? 11   GLU B O   1 
ATOM   348 C CB  . GLU B 1 12 ? 3.224   8.948   3.179   1.00 15.01 ? 11   GLU B CB  1 
ATOM   349 C CG  . GLU B 1 12 ? 4.265   7.917   3.310   1.00 19.08 ? 11   GLU B CG  1 
ATOM   350 C CD  . GLU B 1 12 ? 4.906   7.869   4.690   1.00 27.86 ? 11   GLU B CD  1 
ATOM   351 O OE1 . GLU B 1 12 ? 5.914   7.055   4.806   1.00 34.90 ? 11   GLU B OE1 1 
ATOM   352 O OE2 . GLU B 1 12 ? 4.432   8.600   5.585   1.00 24.63 ? 11   GLU B OE2 1 
ATOM   353 N N   . ILE B 1 13 ? 0.812   7.516   1.977   1.00 12.81 ? 12   ILE B N   1 
ATOM   354 C CA  . ILE B 1 13 ? 0.068   6.289   1.698   1.00 10.40 ? 12   ILE B CA  1 
ATOM   355 C C   . ILE B 1 13 ? -0.282  6.222   0.217   1.00 10.47 ? 12   ILE B C   1 
ATOM   356 O O   . ILE B 1 13 ? -0.193  5.157   -0.417  1.00 12.13 ? 12   ILE B O   1 
ATOM   357 C CB  . ILE B 1 13 ? -1.291  6.265   2.544   1.00 13.20 ? 12   ILE B CB  1 
ATOM   358 C CG1 . ILE B 1 13 ? -0.900  5.984   3.996   1.00 13.67 ? 12   ILE B CG1 1 
ATOM   359 C CG2 . ILE B 1 13 ? -2.277  5.241   1.964   1.00 12.04 ? 12   ILE B CG2 1 
ATOM   360 C CD1 . ILE B 1 13 ? -2.045  6.160   4.919   1.00 14.54 ? 12   ILE B CD1 1 
ATOM   361 N N   . LEU B 1 14 ? -0.735  7.342   -0.418  1.00 12.00 ? 13   LEU B N   1 
ATOM   362 C CA  . LEU B 1 14 ? -1.027  7.358   -1.889  1.00 10.63 ? 13   LEU B CA  1 
ATOM   363 C C   . LEU B 1 14 ? 0.198   6.966   -2.649  1.00 10.82 ? 13   LEU B C   1 
ATOM   364 O O   . LEU B 1 14 ? 0.149   6.086   -3.521  1.00 12.25 ? 13   LEU B O   1 
ATOM   365 C CB  . LEU B 1 14 ? -1.536  8.735   -2.362  1.00 11.53 ? 13   LEU B CB  1 
ATOM   366 C CG  . LEU B 1 14 ? -3.009  8.866   -2.023  1.00 13.80 ? 13   LEU B CG  1 
ATOM   367 C CD1 . LEU B 1 14 ? -3.442  10.331  -2.015  1.00 16.19 ? 13   LEU B CD1 1 
ATOM   368 C CD2 . LEU B 1 14 ? -3.894  8.060   -2.953  1.00 14.08 ? 13   LEU B CD2 1 
ATOM   369 N N   . SER B 1 15 ? 1.407   7.482   -2.326  1.00 12.24 ? 14   SER B N   1 
ATOM   370 C CA  . SER B 1 15 ? 2.610   7.093   -3.115  1.00 12.01 ? 14   SER B CA  1 
ATOM   371 C C   . SER B 1 15 ? 2.911   5.680   -2.966  1.00 13.44 ? 14   SER B C   1 
ATOM   372 O O   . SER B 1 15 ? 3.277   4.981   -3.958  1.00 12.73 ? 14   SER B O   1 
ATOM   373 C CB  . SER B 1 15 ? 3.777   7.922   -2.481  1.00 15.70 ? 14   SER B CB  1 
ATOM   374 O OG  . SER B 1 15 ? 5.063   7.442   -3.035  1.00 23.71 ? 14   SER B OG  1 
ATOM   375 N N   . LYS B 1 16 ? 2.695   5.095   -1.763  1.00 12.42 ? 15   LYS B N   1 
ATOM   376 C CA  . LYS B 1 16 ? 2.911   3.656   -1.539  1.00 13.34 ? 15   LYS B CA  1 
ATOM   377 C C   . LYS B 1 16 ? 1.934   2.858   -2.312  1.00 12.95 ? 15   LYS B C   1 
ATOM   378 O O   . LYS B 1 16 ? 2.343   1.799   -2.850  1.00 12.48 ? 15   LYS B O   1 
ATOM   379 C CB  . LYS B 1 16 ? 2.927   3.306   -0.095  1.00 14.59 ? 15   LYS B CB  1 
ATOM   380 C CG  . LYS B 1 16 ? 4.086   3.863   0.733   1.00 15.26 ? 15   LYS B CG  1 
ATOM   381 C CD  . LYS B 1 16 ? 4.064   3.719   2.281   1.00 19.99 ? 15   LYS B CD  1 
ATOM   382 C CE  . LYS B 1 16 ? 5.426   3.545   3.090   1.00 29.45 ? 15   LYS B CE  1 
ATOM   383 N NZ  . LYS B 1 16 ? 5.891   4.854   3.338   1.00 39.31 ? 15   LYS B NZ  1 
ATOM   384 N N   . LEU B 1 17 ? 0.679   3.246   -2.395  1.00 10.66 ? 16   LEU B N   1 
ATOM   385 C CA  . LEU B 1 17 ? -0.283  2.564   -3.187  1.00 10.01 ? 16   LEU B CA  1 
ATOM   386 C C   . LEU B 1 17 ? -0.016  2.623   -4.682  1.00 11.48 ? 16   LEU B C   1 
ATOM   387 O O   . LEU B 1 17 ? -0.208  1.620   -5.378  1.00 11.32 ? 16   LEU B O   1 
ATOM   388 C CB  . LEU B 1 17 ? -1.683  3.063   -2.881  1.00 9.98  ? 16   LEU B CB  1 
ATOM   389 C CG  . LEU B 1 17 ? -2.290  2.683   -1.553  1.00 10.30 ? 16   LEU B CG  1 
ATOM   390 C CD1 . LEU B 1 17 ? -3.551  3.509   -1.295  1.00 14.40 ? 16   LEU B CD1 1 
ATOM   391 C CD2 . LEU B 1 17 ? -2.581  1.159   -1.455  1.00 13.16 ? 16   LEU B CD2 1 
ATOM   392 N N   . TYR B 1 18 ? 0.495   3.763   -5.136  1.00 10.90 ? 17   TYR B N   1 
ATOM   393 C CA  . TYR B 1 18 ? 0.906   3.809   -6.597  1.00 11.21 ? 17   TYR B CA  1 
ATOM   394 C C   . TYR B 1 18 ? 2.006   2.806   -6.829  1.00 12.48 ? 17   TYR B C   1 
ATOM   395 O O   . TYR B 1 18 ? 1.942   2.115   -7.852  1.00 13.25 ? 17   TYR B O   1 
ATOM   396 C CB  . TYR B 1 18 ? 1.318   5.226   -6.957  1.00 12.50 ? 17   TYR B CB  1 
ATOM   397 C CG  . TYR B 1 18 ? 0.374   6.286   -6.684  1.00 16.38 ? 17   TYR B CG  1 
ATOM   398 C CD1 . TYR B 1 18 ? -0.860  6.171   -6.816  1.00 17.01 ? 17   TYR B CD1 1 
ATOM   399 C CD2 . TYR B 1 18 ? 0.923   7.607   -6.379  1.00 25.56 ? 17   TYR B CD2 1 
ATOM   400 C CE1 . TYR B 1 18 ? -1.764  7.304   -6.577  1.00 16.78 ? 17   TYR B CE1 1 
ATOM   401 C CE2 . TYR B 1 18 ? 0.137   8.711   -6.156  1.00 28.13 ? 17   TYR B CE2 1 
ATOM   402 C CZ  . TYR B 1 18 ? -1.202  8.525   -6.163  1.00 23.51 ? 17   TYR B CZ  1 
ATOM   403 O OH  . TYR B 1 18 ? -2.041  9.615   -5.884  1.00 24.68 ? 17   TYR B OH  1 
ATOM   404 N N   . HIS B 1 19 ? 2.980   2.703   -5.921  1.00 12.56 ? 18   HIS B N   1 
ATOM   405 C CA  . HIS B 1 19 ? 4.087   1.739   -6.081  1.00 13.55 ? 18   HIS B CA  1 
ATOM   406 C C   . HIS B 1 19 ? 3.502   0.329   -6.119  1.00 14.54 ? 18   HIS B C   1 
ATOM   407 O O   . HIS B 1 19 ? 3.812   -0.497  -6.967  1.00 13.80 ? 18   HIS B O   1 
ATOM   408 C CB  . HIS B 1 19 ? 5.055   1.880   -4.996  1.00 16.18 ? 18   HIS B CB  1 
ATOM   409 C CG  . HIS B 1 19 ? 6.138   0.810   -4.991  1.00 15.15 ? 18   HIS B CG  1 
ATOM   410 N ND1 . HIS B 1 19 ? 7.127   0.725   -5.956  1.00 19.78 ? 18   HIS B ND1 1 
ATOM   411 C CD2 . HIS B 1 19 ? 6.255   -0.280  -4.215  1.00 19.67 ? 18   HIS B CD2 1 
ATOM   412 C CE1 . HIS B 1 19 ? 7.921   -0.309  -5.643  1.00 17.46 ? 18   HIS B CE1 1 
ATOM   413 N NE2 . HIS B 1 19 ? 7.334   -1.019  -4.686  1.00 20.93 ? 18   HIS B NE2 1 
ATOM   414 N N   . ILE B 1 20 ? 2.579   0.009   -5.238  1.00 12.85 ? 19   ILE B N   1 
ATOM   415 C CA  . ILE B 1 20 ? 1.948   -1.300  -5.257  1.00 11.78 ? 19   ILE B CA  1 
ATOM   416 C C   . ILE B 1 20 ? 1.225   -1.655  -6.525  1.00 12.39 ? 19   ILE B C   1 
ATOM   417 O O   . ILE B 1 20 ? 1.330   -2.767  -7.077  1.00 12.25 ? 19   ILE B O   1 
ATOM   418 C CB  . ILE B 1 20 ? 1.010   -1.428  -4.010  1.00 10.71 ? 19   ILE B CB  1 
ATOM   419 C CG1 . ILE B 1 20 ? 1.872   -1.581  -2.769  1.00 11.84 ? 19   ILE B CG1 1 
ATOM   420 C CG2 . ILE B 1 20 ? -0.009  -2.497  -4.117  1.00 14.75 ? 19   ILE B CG2 1 
ATOM   421 C CD1 . ILE B 1 20 ? 1.093   -1.231  -1.488  1.00 14.27 ? 19   ILE B CD1 1 
ATOM   422 N N   . CYS B 1 21 ? 0.526   -0.642  -7.039  1.00 10.99 ? 20   CYS B N   1 
ATOM   423 C CA  . CYS B 1 21 ? -0.194  -0.775  -8.319  1.00 10.74 ? 20   CYS B CA  1 
ATOM   424 C C   . CYS B 1 21 ? 0.853   -1.113  -9.408  1.00 13.52 ? 20   CYS B C   1 
ATOM   425 O O   . CYS B 1 21 ? 0.621   -2.027  -10.231 1.00 15.54 ? 20   CYS B O   1 
ATOM   426 C CB  . CYS B 1 21 ? -1.023  0.433   -8.715  1.00 11.67 ? 20   CYS B CB  1 
ATOM   427 S SG  . CYS B 1 21 ? -2.482  0.629   -7.675  1.00 14.84 ? 20   CYS B SG  1 
ATOM   428 N N   . ASN B 1 22 ? 1.951   -0.368  -9.452  1.00 13.67 ? 21   ASN B N   1 
ATOM   429 C CA  . ASN B 1 22 ? 2.996   -0.642  -10.526 1.00 12.39 ? 21   ASN B CA  1 
ATOM   430 C C   . ASN B 1 22 ? 3.481   -2.045  -10.326 1.00 11.99 ? 21   ASN B C   1 
ATOM   431 O O   . ASN B 1 22 ? 3.794   -2.709  -11.350 1.00 16.02 ? 21   ASN B O   1 
ATOM   432 C CB  . ASN B 1 22 ? 4.067   0.392   -10.372 1.00 14.11 ? 21   ASN B CB  1 
ATOM   433 C CG  . ASN B 1 22 ? 3.659   1.772   -10.824 1.00 18.80 ? 21   ASN B CG  1 
ATOM   434 O OD1 . ASN B 1 22 ? 2.858   1.911   -11.687 1.00 20.59 ? 21   ASN B OD1 1 
ATOM   435 N ND2 . ASN B 1 22 ? 4.204   2.810   -10.206 1.00 21.91 ? 21   ASN B ND2 1 
ATOM   436 N N   . GLU B 1 23 ? 3.753   -2.513  -9.136  1.00 12.64 ? 22   GLU B N   1 
ATOM   437 C CA  . GLU B 1 23 ? 4.270   -3.889  -8.906  1.00 13.70 ? 22   GLU B CA  1 
ATOM   438 C C   . GLU B 1 23 ? 3.264   -4.891  -9.301  1.00 14.32 ? 22   GLU B C   1 
ATOM   439 O O   . GLU B 1 23 ? 3.588   -5.936  -9.900  1.00 15.29 ? 22   GLU B O   1 
ATOM   440 C CB  . GLU B 1 23 ? 4.664   -4.087  -7.494  1.00 16.00 ? 22   GLU B CB  1 
ATOM   441 C CG  . GLU B 1 23 ? 5.775   -3.219  -6.967  1.00 15.38 ? 22   GLU B CG  1 
ATOM   442 C CD  . GLU B 1 23 ? 7.160   -3.777  -7.299  1.00 31.47 ? 22   GLU B CD  1 
ATOM   443 O OE1 . GLU B 1 23 ? 7.477   -4.576  -8.261  1.00 33.34 ? 22   GLU B OE1 1 
ATOM   444 O OE2 . GLU B 1 23 ? 8.012   -3.557  -6.384  1.00 52.06 ? 22   GLU B OE2 1 
ATOM   445 N N   . LEU B 1 24 ? 1.964   -4.690  -9.052  1.00 14.07 ? 23   LEU B N   1 
ATOM   446 C CA  . LEU B 1 24 ? 0.947   -5.688  -9.399  1.00 12.59 ? 23   LEU B CA  1 
ATOM   447 C C   . LEU B 1 24 ? 0.775   -5.700  -10.919 1.00 14.56 ? 23   LEU B C   1 
ATOM   448 O O   . LEU B 1 24 ? 0.503   -6.702  -11.512 1.00 14.67 ? 23   LEU B O   1 
ATOM   449 C CB  . LEU B 1 24 ? -0.421  -5.275  -8.730  1.00 12.87 ? 23   LEU B CB  1 
ATOM   450 C CG  . LEU B 1 24 ? -0.461  -5.572  -7.302  1.00 11.73 ? 23   LEU B CG  1 
ATOM   451 C CD1 . LEU B 1 24 ? -1.766  -5.002  -6.756  1.00 14.82 ? 23   LEU B CD1 1 
ATOM   452 C CD2 . LEU B 1 24 ? -0.464  -6.978  -6.941  1.00 15.05 ? 23   LEU B CD2 1 
ATOM   453 N N   . ALA B 1 25 ? 0.926   -4.564  -11.587 1.00 14.33 ? 24   ALA B N   1 
ATOM   454 C CA  . ALA B 1 25 ? 0.840   -4.419  -13.090 1.00 14.10 ? 24   ALA B CA  1 
ATOM   455 C C   . ALA B 1 25 ? 1.998   -5.212  -13.670 1.00 15.64 ? 24   ALA B C   1 
ATOM   456 O O   . ALA B 1 25 ? 1.754   -5.924  -14.690 1.00 17.14 ? 24   ALA B O   1 
ATOM   457 C CB  . ALA B 1 25 ? 0.826   -2.976  -13.510 1.00 14.30 ? 24   ALA B CB  1 
ATOM   458 N N   . ARG B 1 26 ? 3.125   -5.167  -13.044 1.00 15.17 ? 25   ARG B N   1 
ATOM   459 C CA  . ARG B 1 26 ? 4.406   -5.856  -13.481 1.00 16.85 ? 25   ARG B CA  1 
ATOM   460 C C   . ARG B 1 26 ? 4.122   -7.349  -13.354 1.00 18.46 ? 25   ARG B C   1 
ATOM   461 O O   . ARG B 1 26 ? 4.436   -8.144  -14.278 1.00 21.03 ? 25   ARG B O   1 
ATOM   462 C CB  . ARG B 1 26 ? 5.543   -5.388  -12.730 1.00 20.06 ? 25   ARG B CB  1 
ATOM   463 C CG  . ARG B 1 26 ? 6.746   -6.183  -13.078 1.00 27.82 ? 25   ARG B CG  1 
ATOM   464 N N   . ILE B 1 27 ? 3.544   -7.825  -12.266 1.00 18.45 ? 26   ILE B N   1 
ATOM   465 C CA  . ILE B 1 27 ? 3.146   -9.227  -12.119 1.00 17.65 ? 26   ILE B CA  1 
ATOM   466 C C   . ILE B 1 27 ? 2.188   -9.627  -13.190 1.00 18.59 ? 26   ILE B C   1 
ATOM   467 O O   . ILE B 1 27 ? 2.258   -10.721 -13.773 1.00 19.29 ? 26   ILE B O   1 
ATOM   468 C CB  . ILE B 1 27 ? 2.612   -9.482  -10.705 1.00 17.46 ? 26   ILE B CB  1 
ATOM   469 C CG1 . ILE B 1 27 ? 3.680   -9.245  -9.669  1.00 18.58 ? 26   ILE B CG1 1 
ATOM   470 C CG2 . ILE B 1 27 ? 2.078   -10.848 -10.631 1.00 20.93 ? 26   ILE B CG2 1 
ATOM   471 C CD1 . ILE B 1 27 ? 3.090   -9.379  -8.210  1.00 21.65 ? 26   ILE B CD1 1 
ATOM   472 N N   . LYS B 1 28 ? 1.140   -8.886  -13.387 1.00 16.90 ? 27   LYS B N   1 
ATOM   473 C CA  . LYS B 1 28 ? 0.145   -9.165  -14.390 1.00 19.13 ? 27   LYS B CA  1 
ATOM   474 C C   . LYS B 1 28 ? 0.835   -9.359  -15.730 1.00 20.44 ? 27   LYS B C   1 
ATOM   475 O O   . LYS B 1 28 ? 0.339   -10.294 -16.472 1.00 21.99 ? 27   LYS B O   1 
ATOM   476 C CB  . LYS B 1 28 ? -0.938  -8.094  -14.485 1.00 20.65 ? 27   LYS B CB  1 
ATOM   477 C CG  . LYS B 1 28 ? -2.081  -8.543  -15.410 1.00 26.95 ? 27   LYS B CG  1 
ATOM   478 C CD  . LYS B 1 28 ? -3.096  -7.640  -15.578 1.00 28.29 ? 27   LYS B CD  1 
ATOM   479 C CE  . LYS B 1 28 ? -4.028  -8.007  -16.821 1.00 30.01 ? 27   LYS B CE  1 
ATOM   480 N NZ  . LYS B 1 28 ? -4.549  -6.641  -17.233 1.00 37.71 ? 27   LYS B NZ  1 
ATOM   481 N N   . LYS B 1 29 ? 1.759   -8.487  -16.075 1.00 21.95 ? 28   LYS B N   1 
ATOM   482 C CA  . LYS B 1 29 ? 2.451   -8.595  -17.421 1.00 24.61 ? 28   LYS B CA  1 
ATOM   483 C C   . LYS B 1 29 ? 3.197   -9.953  -17.423 1.00 23.08 ? 28   LYS B C   1 
ATOM   484 O O   . LYS B 1 29 ? 3.146   -10.657 -18.445 1.00 28.74 ? 28   LYS B O   1 
ATOM   485 C CB  . LYS B 1 29 ? 3.364   -7.394  -17.532 1.00 24.10 ? 28   LYS B CB  1 
ATOM   486 C CG  . LYS B 1 29 ? 4.321   -7.225  -18.820 1.00 26.34 ? 28   LYS B CG  1 
ATOM   487 N N   . LEU B 1 30 ? 3.894   -10.313 -16.368 1.00 24.56 ? 29   LEU B N   1 
ATOM   488 C CA  . LEU B 1 30 ? 4.704   -11.528 -16.305 1.00 23.93 ? 29   LEU B CA  1 
ATOM   489 C C   . LEU B 1 30 ? 3.680   -12.723 -16.440 1.00 27.02 ? 29   LEU B C   1 
ATOM   490 O O   . LEU B 1 30 ? 3.898   -13.660 -17.279 1.00 29.79 ? 29   LEU B O   1 
ATOM   491 C CB  . LEU B 1 30 ? 5.508   -11.440 -15.060 1.00 25.59 ? 29   LEU B CB  1 
ATOM   492 C CG  . LEU B 1 30 ? 6.917   -11.022 -14.718 1.00 25.94 ? 29   LEU B CG  1 
ATOM   493 C CD1 . LEU B 1 30 ? 7.680   -10.795 -16.028 1.00 33.26 ? 29   LEU B CD1 1 
ATOM   494 C CD2 . LEU B 1 30 ? 7.275   -10.067 -13.669 1.00 31.81 ? 29   LEU B CD2 1 
ATOM   495 N N   . LEU B 1 31 ? 2.498   -12.694 -15.852 1.00 27.62 ? 30   LEU B N   1 
ATOM   496 C CA  . LEU B 1 31 ? 1.494   -13.766 -16.026 1.00 28.40 ? 30   LEU B CA  1 
ATOM   497 C C   . LEU B 1 31 ? 0.934   -13.831 -17.455 1.00 32.47 ? 30   LEU B C   1 
ATOM   498 O O   . LEU B 1 31 ? 0.508   -14.881 -17.895 1.00 34.04 ? 30   LEU B O   1 
ATOM   499 C CB  . LEU B 1 31 ? 0.300   -13.671 -15.075 1.00 28.00 ? 30   LEU B CB  1 
ATOM   500 C CG  . LEU B 1 31 ? 0.916   -13.995 -13.688 1.00 25.38 ? 30   LEU B CG  1 
ATOM   501 C CD1 . LEU B 1 31 ? -0.286  -13.829 -12.832 1.00 27.70 ? 30   LEU B CD1 1 
ATOM   502 C CD2 . LEU B 1 31 ? 1.609   -15.332 -13.492 1.00 34.00 ? 30   LEU B CD2 1 
ATOM   503 N N   . GLY B 1 32 ? 0.901   -12.715 -18.145 1.00 32.29 ? 31   GLY B N   1 
ATOM   504 C CA  . GLY B 1 32 ? 0.448   -12.721 -19.545 1.00 35.44 ? 31   GLY B CA  1 
ATOM   505 C C   . GLY B 1 32 ? 1.537   -13.283 -20.447 1.00 36.24 ? 31   GLY B C   1 
ATOM   506 O O   . GLY B 1 32 ? 1.266   -13.649 -21.580 1.00 40.38 ? 31   GLY B O   1 
ATOM   507 N N   . GLU B 1 33 ? 2.751   -13.347 -19.962 1.00 38.92 ? 32   GLU B N   1 
ATOM   508 C CA  . GLU B 1 33 ? 3.862   -13.976 -20.663 1.00 41.47 ? 32   GLU B CA  1 
ATOM   509 C C   . GLU B 1 33 ? 3.998   -15.477 -20.314 1.00 42.15 ? 32   GLU B C   1 
ATOM   510 O O   . GLU B 1 33 ? 5.001   -16.071 -20.669 1.00 45.16 ? 32   GLU B O   1 
ATOM   511 C CB  . GLU B 1 33 ? 5.138   -13.239 -20.353 1.00 41.55 ? 32   GLU B CB  1 
ATOM   512 C CG  . GLU B 1 33 ? 5.087   -11.821 -20.892 1.00 44.47 ? 32   GLU B CG  1 
ATOM   513 C CD  . GLU B 1 33 ? 6.289   -10.986 -20.522 1.00 47.50 ? 32   GLU B CD  1 
ATOM   514 O OE1 . GLU B 1 33 ? 7.127   -11.337 -19.682 1.00 46.24 ? 32   GLU B OE1 1 
ATOM   515 O OE2 . GLU B 1 33 ? 6.368   -9.919  -21.133 1.00 47.85 ? 32   GLU B OE2 1 
ATOM   516 N N   . ARG B 1 34 ? 2.935   -16.079 -19.755 1.00 42.75 ? 33   ARG B N   1 
ATOM   517 C CA  . ARG B 1 34 ? 3.004   -17.418 -19.202 1.00 42.57 ? 33   ARG B CA  1 
ATOM   518 C C   . ARG B 1 34 ? 3.412   -18.278 -20.365 1.00 42.60 ? 33   ARG B C   1 
ATOM   519 O O   . ARG B 1 34 ? 4.128   -19.263 -20.291 1.00 45.19 ? 33   ARG B O   1 
ATOM   520 O OXT . ARG B 1 34 ? 3.016   -18.099 -21.472 1.00 39.33 ? 33   ARG B OXT 1 
HETATM 521 O O   . HOH C 2 .  ? 10.497  -14.027 -13.588 1.00 50.94 ? 2001 HOH A O   1 
HETATM 522 O O   . HOH C 2 .  ? 15.723  -14.656 -6.091  1.00 47.35 ? 2002 HOH A O   1 
HETATM 523 O O   . HOH C 2 .  ? 10.236  -11.009 -5.759  1.00 30.67 ? 2003 HOH A O   1 
HETATM 524 O O   . HOH C 2 .  ? 14.070  -15.688 -5.901  1.00 44.78 ? 2004 HOH A O   1 
HETATM 525 O O   . HOH C 2 .  ? 5.546   -20.364 -6.640  1.00 50.11 ? 2005 HOH A O   1 
HETATM 526 O O   . HOH C 2 .  ? 10.932  -9.421  0.148   1.00 39.51 ? 2006 HOH A O   1 
HETATM 527 O O   . HOH C 2 .  ? 6.747   -16.458 -0.859  1.00 36.39 ? 2007 HOH A O   1 
HETATM 528 O O   . HOH C 2 .  ? 12.093  -13.224 -4.527  1.00 38.94 ? 2008 HOH A O   1 
HETATM 529 O O   . HOH C 2 .  ? 5.128   1.103   5.323   1.00 33.15 ? 2009 HOH A O   1 
HETATM 530 O O   . HOH C 2 .  ? 8.561   -11.961 0.223   1.00 22.98 ? 2010 HOH A O   1 
HETATM 531 O O   . HOH C 2 .  ? 3.113   -10.525 4.348   1.00 26.28 ? 2011 HOH A O   1 
HETATM 532 O O   . HOH C 2 .  ? 5.279   -13.021 6.246   1.00 32.96 ? 2012 HOH A O   1 
HETATM 533 O O   . HOH C 2 .  ? -3.784  4.660   16.627  1.00 33.69 ? 2013 HOH A O   1 
HETATM 534 O O   . HOH C 2 .  ? 9.775   -9.837  -3.279  1.00 33.94 ? 2014 HOH A O   1 
HETATM 535 O O   . HOH C 2 .  ? 6.576   -4.532  4.608   1.00 23.83 ? 2015 HOH A O   1 
HETATM 536 O O   . HOH C 2 .  ? 3.337   0.178   3.324   1.00 21.95 ? 2016 HOH A O   1 
HETATM 537 O O   . HOH C 2 .  ? 1.128   -12.279 4.310   1.00 39.68 ? 2017 HOH A O   1 
HETATM 538 O O   . HOH C 2 .  ? -3.304  -4.731  8.860   1.00 35.36 ? 2018 HOH A O   1 
HETATM 539 O O   . HOH C 2 .  ? -4.087  -11.702 3.564   1.00 38.06 ? 2019 HOH A O   1 
HETATM 540 O O   . HOH C 2 .  ? 2.032   -2.027  10.838  0.50 36.71 ? 2020 HOH A O   1 
HETATM 541 O O   . HOH C 2 .  ? 4.614   -6.326  8.208   1.00 40.53 ? 2021 HOH A O   1 
HETATM 542 O O   . HOH C 2 .  ? -3.614  1.252   13.713  1.00 27.14 ? 2022 HOH A O   1 
HETATM 543 O O   . HOH C 2 .  ? 1.734   -5.080  9.610   1.00 53.90 ? 2023 HOH A O   1 
HETATM 544 O O   . HOH C 2 .  ? -9.616  3.217   13.827  1.00 24.49 ? 2024 HOH A O   1 
HETATM 545 O O   . HOH C 2 .  ? -5.120  2.869   15.216  1.00 34.33 ? 2025 HOH A O   1 
HETATM 546 O O   . HOH C 2 .  ? 2.469   10.814  10.723  1.00 32.99 ? 2026 HOH A O   1 
HETATM 547 O O   . HOH C 2 .  ? -14.350 4.805   12.185  1.00 46.11 ? 2027 HOH A O   1 
HETATM 548 O O   . HOH C 2 .  ? -10.368 0.952   11.959  1.00 47.64 ? 2028 HOH A O   1 
HETATM 549 O O   . HOH C 2 .  ? -11.352 8.373   17.712  1.00 38.63 ? 2029 HOH A O   1 
HETATM 550 O O   . HOH C 2 .  ? -15.833 12.311  19.659  1.00 46.56 ? 2030 HOH A O   1 
HETATM 551 O O   . HOH C 2 .  ? -11.347 17.943  18.920  1.00 48.38 ? 2031 HOH A O   1 
HETATM 552 O O   . HOH C 2 .  ? -15.281 13.018  14.595  1.00 30.30 ? 2032 HOH A O   1 
HETATM 553 O O   . HOH D 2 .  ? -0.463  18.941  12.034  1.00 42.10 ? 2001 HOH B O   1 
HETATM 554 O O   . HOH D 2 .  ? -3.338  10.905  20.269  1.00 36.06 ? 2002 HOH B O   1 
HETATM 555 O O   . HOH D 2 .  ? -2.463  14.535  13.544  1.00 40.52 ? 2003 HOH B O   1 
HETATM 556 O O   . HOH D 2 .  ? -2.655  21.334  10.643  1.00 28.09 ? 2004 HOH B O   1 
HETATM 557 O O   . HOH D 2 .  ? 1.114   16.752  14.553  1.00 39.70 ? 2005 HOH B O   1 
HETATM 558 O O   . HOH D 2 .  ? 2.590   12.390  8.571   1.00 26.69 ? 2006 HOH B O   1 
HETATM 559 O O   . HOH D 2 .  ? 1.728   17.784  11.959  1.00 39.51 ? 2007 HOH B O   1 
HETATM 560 O O   . HOH D 2 .  ? -0.419  20.721  3.062   1.00 40.48 ? 2008 HOH B O   1 
HETATM 561 O O   . HOH D 2 .  ? 4.082   3.191   7.194   1.00 30.46 ? 2009 HOH B O   1 
HETATM 562 O O   . HOH D 2 .  ? 1.418   4.035   6.063   1.00 25.12 ? 2010 HOH B O   1 
HETATM 563 O O   . HOH D 2 .  ? 2.731   3.219   4.960   1.00 28.03 ? 2011 HOH B O   1 
HETATM 564 O O   . HOH D 2 .  ? -3.104  21.768  3.989   1.00 34.57 ? 2012 HOH B O   1 
HETATM 565 O O   . HOH D 2 .  ? -4.408  18.280  1.877   1.00 30.78 ? 2013 HOH B O   1 
HETATM 566 O O   . HOH D 2 .  ? 2.502   -4.856  -20.428 1.00 37.78 ? 2014 HOH B O   1 
HETATM 567 O O   . HOH D 2 .  ? 3.224   17.050  9.205   1.00 46.75 ? 2015 HOH B O   1 
HETATM 568 O O   . HOH D 2 .  ? 0.396   16.636  1.696   1.00 41.37 ? 2016 HOH B O   1 
HETATM 569 O O   . HOH D 2 .  ? 4.512   18.599  3.700   1.00 36.11 ? 2017 HOH B O   1 
HETATM 570 O O   . HOH D 2 .  ? 6.723   2.487   -1.937  1.00 32.47 ? 2018 HOH B O   1 
HETATM 571 O O   . HOH D 2 .  ? 4.982   0.543   1.180   1.00 22.36 ? 2019 HOH B O   1 
HETATM 572 O O   . HOH D 2 .  ? 2.978   4.700   7.880   1.00 23.69 ? 2020 HOH B O   1 
HETATM 573 O O   . HOH D 2 .  ? 6.952   6.738   9.151   1.00 32.07 ? 2021 HOH B O   1 
HETATM 574 O O   . HOH D 2 .  ? 4.354   8.535   10.711  1.00 29.19 ? 2022 HOH B O   1 
HETATM 575 O O   . HOH D 2 .  ? 4.844   5.032   10.187  1.00 28.98 ? 2023 HOH B O   1 
HETATM 576 O O   . HOH D 2 .  ? 5.213   -3.446  -15.731 1.00 45.70 ? 2024 HOH B O   1 
HETATM 577 O O   . HOH D 2 .  ? -2.674  3.180   -10.656 1.00 53.29 ? 2025 HOH B O   1 
HETATM 578 O O   . HOH D 2 .  ? 8.054   -8.407  -10.892 1.00 43.85 ? 2026 HOH B O   1 
HETATM 579 O O   . HOH D 2 .  ? 7.425   -10.013 -9.362  1.00 43.81 ? 2027 HOH B O   1 
HETATM 580 O O   . HOH D 2 .  ? 1.554   10.956  -3.270  1.00 19.05 ? 2028 HOH B O   1 
HETATM 581 O O   . HOH D 2 .  ? 2.586   17.774  0.888   1.00 34.42 ? 2029 HOH B O   1 
HETATM 582 O O   . HOH D 2 .  ? -1.724  -3.476  -15.901 1.00 39.46 ? 2030 HOH B O   1 
HETATM 583 O O   . HOH D 2 .  ? 3.938   11.155  6.253   1.00 29.79 ? 2031 HOH B O   1 
HETATM 584 O O   . HOH D 2 .  ? 6.694   5.232   6.729   1.00 36.39 ? 2032 HOH B O   1 
HETATM 585 O O   . HOH D 2 .  ? 4.271   -5.866  -22.457 1.00 38.99 ? 2033 HOH B O   1 
HETATM 586 O O   . HOH D 2 .  ? 6.303   5.289   -1.987  1.00 29.14 ? 2034 HOH B O   1 
HETATM 587 O O   . HOH D 2 .  ? 7.539   5.857   -4.863  1.00 41.78 ? 2035 HOH B O   1 
HETATM 588 O O   . HOH D 2 .  ? 5.218   5.674   -5.822  1.00 20.62 ? 2036 HOH B O   1 
HETATM 589 O O   . HOH D 2 .  ? 4.648   0.526   -1.484  1.00 19.01 ? 2037 HOH B O   1 
HETATM 590 O O   . HOH D 2 .  ? -0.702  11.635  -4.732  1.00 25.84 ? 2038 HOH B O   1 
HETATM 591 O O   . HOH D 2 .  ? -4.835  9.387   -6.290  1.00 24.83 ? 2039 HOH B O   1 
HETATM 592 O O   . HOH D 2 .  ? 5.120   -3.420  -4.477  1.00 38.07 ? 2040 HOH B O   1 
HETATM 593 O O   . HOH D 2 .  ? 0.364   3.251   -10.386 1.00 34.36 ? 2041 HOH B O   1 
HETATM 594 O O   . HOH D 2 .  ? 4.100   5.630   -10.496 1.00 33.44 ? 2042 HOH B O   1 
HETATM 595 O O   . HOH D 2 .  ? 4.374   -1.730  -13.867 1.00 28.52 ? 2043 HOH B O   1 
HETATM 596 O O   . HOH D 2 .  ? 8.479   -3.610  -4.094  1.00 31.24 ? 2044 HOH B O   1 
HETATM 597 O O   . HOH D 2 .  ? 6.345   -6.732  -9.209  1.00 27.75 ? 2045 HOH B O   1 
HETATM 598 O O   . HOH D 2 .  ? 9.774   -5.179  -9.190  1.00 47.15 ? 2046 HOH B O   1 
HETATM 599 O O   . HOH D 2 .  ? 0.142   -5.098  -16.692 1.00 25.14 ? 2047 HOH B O   1 
HETATM 600 O O   . HOH D 2 .  ? 6.748   -7.635  -15.742 1.00 42.81 ? 2048 HOH B O   1 
HETATM 601 O O   . HOH D 2 .  ? -4.478  -4.347  -15.712 1.00 30.44 ? 2049 HOH B O   1 
HETATM 602 O O   . HOH D 2 .  ? 2.242   -9.697  -20.773 1.00 37.50 ? 2050 HOH B O   1 
HETATM 603 O O   . HOH D 2 .  ? 4.056   -8.728  -22.157 1.00 34.07 ? 2051 HOH B O   1 
# 
